data_3AFC
#
_entry.id   3AFC
#
_cell.length_a   71.474
_cell.length_b   89.060
_cell.length_c   95.523
_cell.angle_alpha   90.00
_cell.angle_beta   102.20
_cell.angle_gamma   90.00
#
_symmetry.space_group_name_H-M   'P 1 21 1'
#
loop_
_entity.id
_entity.type
_entity.pdbx_description
1 polymer Semaphorin-6A
2 branched 2-acetamido-2-deoxy-beta-D-glucopyranose-(1-4)-2-acetamido-2-deoxy-beta-D-glucopyranose
3 non-polymer 2-acetamido-2-deoxy-beta-D-glucopyranose
4 water water
#
_entity_poly.entity_id   1
_entity_poly.type   'polypeptide(L)'
_entity_poly.pdbx_seq_one_letter_code
;GSSRGFPEDSEPISISHGNYTKQYPVFVGHKPGRNTTQRHRLDIQMIMIMNRTLYVAARDHIYTVDIDTSHTEEIYCSKK
LTWKSRQADVDTCRMKGKHKDECHNFIKVLLKKNDDTLFVCGTNAFNPSCRNYRVDTLETFGDEFSGMARCPYDAKHANI
ALFADGKLYSATVTDFLAIDAVIYRSLGDSPTLRTVKHDSKWLKEPYFVQAVDYGDYIYFFFREIAVEYNTMGKVVFPRV
AQVCKNDMGGSQRVLEKQWTSFLKARLNCSVPGDSHFYFNILQAVTDVIRINGRDVVLATFSTPYNSIPGSAVCAYDMLD
IANVFTGRFKEQKSPDSTWTPVPDERVPKPRPGCCAGSSSLEKYATSNEFPDDTLNFIKTHPLMDEAVPSIINRPWFLRT
MVRYRLTKIAVDNAAGPYQNHTVVFLGSEKGIILKFLARIGSSGFLNGSLFLEEMNVYNPEKCSYDGVEDKRIMGMQLDR
ASGSLYVAFSTCVIKVPLGRCERHGKCKKTCIASRDPYCGWVRESGSCAHLSPLSRLTFEQDIERGNTDGLGDCHN
;
_entity_poly.pdbx_strand_id   A,B
#
# COMPACT_ATOMS: atom_id res chain seq x y z
N GLY A 5 0.78 -2.79 15.74
CA GLY A 5 0.00 -2.65 14.48
C GLY A 5 0.85 -2.18 13.31
N PHE A 6 0.61 -0.94 12.88
CA PHE A 6 1.43 -0.22 11.90
C PHE A 6 1.65 1.21 12.40
N PRO A 7 2.93 1.65 12.51
CA PRO A 7 3.27 2.88 13.23
C PRO A 7 2.47 4.07 12.72
N GLU A 8 1.76 4.74 13.64
CA GLU A 8 0.87 5.82 13.29
C GLU A 8 1.55 7.18 13.35
N ASP A 9 1.03 8.14 12.58
CA ASP A 9 1.62 9.47 12.43
C ASP A 9 1.62 10.29 13.72
N SER A 10 2.83 10.66 14.15
CA SER A 10 3.02 11.61 15.24
C SER A 10 2.65 13.02 14.79
N GLU A 11 2.31 13.88 15.74
CA GLU A 11 1.97 15.25 15.43
C GLU A 11 3.18 16.17 15.58
N PRO A 12 3.23 17.27 14.79
CA PRO A 12 4.37 18.19 14.86
C PRO A 12 4.38 18.96 16.18
N ILE A 13 5.57 19.35 16.65
CA ILE A 13 5.66 20.17 17.85
C ILE A 13 5.00 21.53 17.65
N SER A 14 5.19 22.14 16.49
CA SER A 14 4.50 23.39 16.15
C SER A 14 3.88 23.38 14.76
N ILE A 15 2.75 24.05 14.63
CA ILE A 15 1.99 24.11 13.38
C ILE A 15 1.94 25.55 12.85
N SER A 16 2.02 25.72 11.54
CA SER A 16 1.94 27.07 10.94
C SER A 16 1.01 27.14 9.72
N HIS A 17 -0.11 27.83 9.88
CA HIS A 17 -1.18 27.85 8.85
C HIS A 17 -1.01 28.94 7.78
N GLY A 18 -1.70 28.76 6.65
CA GLY A 18 -1.61 29.66 5.49
C GLY A 18 -1.78 31.14 5.79
N ASN A 19 -2.63 31.44 6.79
CA ASN A 19 -2.92 32.82 7.22
C ASN A 19 -1.70 33.54 7.82
N TYR A 20 -0.69 32.77 8.24
CA TYR A 20 0.53 33.33 8.86
C TYR A 20 1.71 33.38 7.87
N THR A 21 1.84 32.34 7.07
CA THR A 21 2.90 32.23 6.06
C THR A 21 2.73 33.23 4.92
N LYS A 22 1.52 33.78 4.79
CA LYS A 22 1.21 34.71 3.71
C LYS A 22 2.10 35.96 3.64
N GLN A 23 2.86 36.22 4.70
CA GLN A 23 3.77 37.39 4.74
C GLN A 23 5.14 37.10 4.10
N TYR A 24 5.40 35.85 3.78
CA TYR A 24 6.70 35.48 3.23
C TYR A 24 6.89 36.01 1.80
N PRO A 25 8.06 36.62 1.52
CA PRO A 25 8.30 37.23 0.21
C PRO A 25 8.11 36.23 -0.92
N VAL A 26 7.49 36.69 -1.99
CA VAL A 26 7.15 35.85 -3.13
C VAL A 26 7.69 36.44 -4.42
N PHE A 27 8.33 35.60 -5.22
CA PHE A 27 8.75 35.96 -6.58
C PHE A 27 7.69 35.50 -7.57
N VAL A 28 7.28 36.40 -8.46
CA VAL A 28 6.35 36.02 -9.53
C VAL A 28 6.81 36.44 -10.93
N GLY A 29 7.98 37.07 -11.01
CA GLY A 29 8.56 37.52 -12.29
C GLY A 29 8.32 38.98 -12.67
N HIS A 30 8.56 39.90 -11.74
CA HIS A 30 8.55 41.34 -12.00
C HIS A 30 9.92 41.92 -11.65
N LYS A 31 10.21 43.13 -12.15
CA LYS A 31 11.52 43.77 -11.95
C LYS A 31 11.46 45.07 -11.11
N HIS A 40 1.26 36.18 -17.09
CA HIS A 40 2.32 35.33 -17.65
C HIS A 40 2.55 34.13 -16.71
N ARG A 41 1.92 33.00 -17.04
CA ARG A 41 2.14 31.74 -16.32
C ARG A 41 3.63 31.38 -16.43
N LEU A 42 4.27 31.25 -15.27
CA LEU A 42 5.72 31.10 -15.21
C LEU A 42 6.22 29.75 -15.70
N ASP A 43 5.55 28.67 -15.24
CA ASP A 43 5.93 27.29 -15.54
C ASP A 43 7.37 27.01 -15.13
N ILE A 44 7.64 27.24 -13.84
CA ILE A 44 8.97 27.00 -13.27
C ILE A 44 9.29 25.52 -13.31
N GLN A 45 10.45 25.21 -13.84
CA GLN A 45 10.88 23.84 -14.01
C GLN A 45 11.76 23.40 -12.83
N MET A 46 12.55 24.32 -12.30
CA MET A 46 13.55 24.02 -11.28
C MET A 46 14.24 25.29 -10.80
N ILE A 47 14.67 25.27 -9.54
CA ILE A 47 15.44 26.39 -8.97
C ILE A 47 16.82 25.90 -8.56
N MET A 48 17.80 26.80 -8.60
CA MET A 48 19.19 26.43 -8.30
C MET A 48 19.96 27.61 -7.70
N ILE A 49 20.54 27.38 -6.53
CA ILE A 49 21.40 28.37 -5.90
C ILE A 49 22.82 28.21 -6.40
N MET A 50 23.43 29.33 -6.77
CA MET A 50 24.84 29.38 -7.13
C MET A 50 25.47 30.62 -6.53
N ASN A 51 26.50 30.41 -5.72
CA ASN A 51 27.07 31.45 -4.87
C ASN A 51 25.94 32.14 -4.09
N ARG A 52 25.60 33.35 -4.52
CA ARG A 52 24.62 34.16 -3.83
C ARG A 52 23.50 34.56 -4.79
N THR A 53 23.36 33.77 -5.86
CA THR A 53 22.35 33.98 -6.89
C THR A 53 21.39 32.79 -6.97
N LEU A 54 20.09 33.06 -6.85
CA LEU A 54 19.07 32.06 -7.04
C LEU A 54 18.61 32.05 -8.49
N TYR A 55 18.81 30.92 -9.17
CA TYR A 55 18.39 30.79 -10.56
C TYR A 55 17.04 30.10 -10.64
N VAL A 56 16.09 30.76 -11.30
CA VAL A 56 14.77 30.20 -11.58
C VAL A 56 14.62 29.87 -13.06
N ALA A 57 14.66 28.59 -13.40
CA ALA A 57 14.51 28.13 -14.78
C ALA A 57 13.04 27.82 -15.10
N ALA A 58 12.55 28.37 -16.20
CA ALA A 58 11.13 28.29 -16.51
C ALA A 58 10.86 28.21 -18.01
N ARG A 59 9.71 28.73 -18.43
CA ARG A 59 9.33 28.80 -19.83
C ARG A 59 9.99 30.02 -20.49
N ASP A 60 10.79 29.77 -21.52
CA ASP A 60 11.52 30.80 -22.31
C ASP A 60 12.50 31.68 -21.52
N HIS A 61 12.57 31.50 -20.21
CA HIS A 61 13.42 32.36 -19.39
C HIS A 61 14.16 31.62 -18.27
N ILE A 62 15.35 32.13 -17.94
CA ILE A 62 15.96 31.91 -16.63
C ILE A 62 16.00 33.26 -15.90
N TYR A 63 15.20 33.38 -14.83
CA TYR A 63 15.24 34.54 -13.96
C TYR A 63 16.33 34.34 -12.90
N THR A 64 17.03 35.42 -12.53
CA THR A 64 17.98 35.36 -11.42
C THR A 64 17.52 36.25 -10.27
N VAL A 65 17.78 35.81 -9.06
CA VAL A 65 17.38 36.55 -7.85
C VAL A 65 18.56 36.64 -6.91
N ASP A 66 18.90 37.86 -6.51
CA ASP A 66 19.93 38.10 -5.51
C ASP A 66 19.43 37.59 -4.16
N ILE A 67 20.22 36.70 -3.55
CA ILE A 67 19.84 36.09 -2.28
C ILE A 67 20.04 37.02 -1.07
N ASP A 68 20.95 37.98 -1.19
CA ASP A 68 21.22 38.89 -0.09
C ASP A 68 20.05 39.82 0.22
N THR A 69 19.76 40.76 -0.67
CA THR A 69 18.74 41.80 -0.46
C THR A 69 17.60 41.34 0.43
N SER A 70 17.43 42.00 1.58
CA SER A 70 16.29 41.74 2.45
C SER A 70 15.06 42.25 1.72
N HIS A 71 14.18 41.33 1.32
CA HIS A 71 13.06 41.67 0.47
C HIS A 71 11.82 42.05 1.26
N THR A 72 10.84 42.60 0.55
CA THR A 72 9.59 43.06 1.14
C THR A 72 8.54 41.98 0.97
N GLU A 73 7.29 42.38 0.75
CA GLU A 73 6.24 41.47 0.35
C GLU A 73 6.62 40.74 -0.95
N GLU A 74 7.26 41.46 -1.87
CA GLU A 74 7.61 40.90 -3.17
C GLU A 74 9.10 40.82 -3.49
N ILE A 75 9.50 39.70 -4.09
CA ILE A 75 10.85 39.48 -4.59
C ILE A 75 10.91 39.88 -6.06
N TYR A 76 11.98 40.58 -6.42
CA TYR A 76 12.13 41.08 -7.79
C TYR A 76 13.28 40.44 -8.54
N CYS A 77 13.19 40.53 -9.86
CA CYS A 77 14.14 39.95 -10.78
C CYS A 77 15.33 40.89 -10.94
N SER A 78 16.55 40.35 -10.85
CA SER A 78 17.76 41.15 -11.01
C SER A 78 18.23 41.26 -12.46
N LYS A 79 18.37 40.12 -13.13
CA LYS A 79 18.58 40.07 -14.59
C LYS A 79 17.88 38.87 -15.21
N LYS A 80 17.93 38.76 -16.53
CA LYS A 80 17.05 37.89 -17.28
C LYS A 80 17.72 37.27 -18.48
N LEU A 81 17.51 35.96 -18.66
CA LEU A 81 17.91 35.24 -19.85
C LEU A 81 16.65 34.97 -20.68
N THR A 82 16.74 35.18 -21.98
CA THR A 82 15.59 34.97 -22.84
C THR A 82 15.90 33.99 -23.95
N TRP A 83 15.13 32.92 -23.97
CA TRP A 83 15.21 31.92 -25.02
C TRP A 83 13.82 31.37 -25.35
N LYS A 84 13.15 32.04 -26.29
CA LYS A 84 11.87 31.56 -26.81
C LYS A 84 12.14 30.63 -27.99
N SER A 85 11.27 29.66 -28.18
CA SER A 85 11.38 28.77 -29.32
C SER A 85 11.20 29.50 -30.64
N ARG A 86 11.93 29.03 -31.65
CA ARG A 86 11.70 29.45 -33.04
C ARG A 86 10.25 29.12 -33.44
N GLN A 87 9.67 29.99 -34.25
CA GLN A 87 8.30 29.79 -34.72
C GLN A 87 8.10 28.47 -35.48
N ALA A 88 9.10 28.08 -36.25
CA ALA A 88 9.05 26.85 -37.03
C ALA A 88 8.96 25.61 -36.13
N ASP A 89 9.65 25.65 -34.99
CA ASP A 89 9.58 24.54 -34.04
C ASP A 89 8.22 24.50 -33.36
N VAL A 90 7.68 25.66 -33.01
CA VAL A 90 6.37 25.80 -32.37
C VAL A 90 5.29 25.21 -33.28
N ASP A 91 5.38 25.52 -34.57
CA ASP A 91 4.39 25.06 -35.52
C ASP A 91 4.55 23.59 -35.91
N THR A 92 5.78 23.11 -35.98
CA THR A 92 6.03 21.67 -36.15
C THR A 92 5.47 20.93 -34.92
N CYS A 93 5.69 21.51 -33.74
CA CYS A 93 5.16 20.97 -32.51
C CYS A 93 3.64 20.78 -32.55
N ARG A 94 2.94 21.78 -33.07
CA ARG A 94 1.49 21.69 -33.22
C ARG A 94 1.11 20.74 -34.36
N MET A 95 1.97 20.67 -35.38
CA MET A 95 1.73 19.78 -36.53
C MET A 95 1.81 18.33 -36.09
N LYS A 96 2.72 18.04 -35.16
CA LYS A 96 2.87 16.68 -34.64
C LYS A 96 1.77 16.34 -33.61
N GLY A 97 0.84 17.26 -33.38
CA GLY A 97 -0.34 16.98 -32.56
C GLY A 97 -0.27 17.36 -31.08
N LYS A 98 0.80 18.03 -30.67
CA LYS A 98 0.89 18.51 -29.29
C LYS A 98 0.02 19.76 -29.11
N HIS A 99 -0.49 19.92 -27.90
CA HIS A 99 -1.30 21.07 -27.50
C HIS A 99 -0.49 22.38 -27.53
N LYS A 100 -1.18 23.51 -27.61
CA LYS A 100 -0.57 24.87 -27.62
C LYS A 100 0.30 25.16 -26.38
N ASP A 101 -0.20 24.75 -25.21
CA ASP A 101 0.51 24.93 -23.94
C ASP A 101 1.79 24.12 -23.83
N GLU A 102 1.97 23.16 -24.73
CA GLU A 102 3.10 22.24 -24.68
C GLU A 102 4.25 22.72 -25.56
N CYS A 103 3.93 23.63 -26.49
CA CYS A 103 4.85 23.97 -27.57
C CYS A 103 5.59 25.29 -27.30
N HIS A 104 6.42 25.24 -26.27
CA HIS A 104 7.21 26.36 -25.80
C HIS A 104 8.59 25.83 -25.45
N ASN A 105 9.57 26.72 -25.24
CA ASN A 105 10.89 26.31 -24.80
C ASN A 105 11.03 26.33 -23.28
N PHE A 106 10.82 25.16 -22.66
CA PHE A 106 10.95 25.04 -21.21
C PHE A 106 12.38 24.65 -20.87
N ILE A 107 13.06 25.49 -20.09
CA ILE A 107 14.42 25.21 -19.64
C ILE A 107 14.50 24.14 -18.54
N LYS A 108 15.11 23.01 -18.89
CA LYS A 108 15.13 21.83 -18.02
C LYS A 108 16.54 21.36 -17.61
N VAL A 109 17.55 22.01 -18.15
CA VAL A 109 18.93 21.74 -17.78
C VAL A 109 19.60 23.07 -17.51
N LEU A 110 20.22 23.17 -16.34
CA LEU A 110 20.98 24.35 -15.97
C LEU A 110 22.12 23.97 -15.05
N LEU A 111 23.34 24.10 -15.55
CA LEU A 111 24.54 23.69 -14.84
C LEU A 111 25.66 24.73 -14.95
N LYS A 112 26.45 24.84 -13.89
CA LYS A 112 27.70 25.60 -13.91
C LYS A 112 28.77 24.76 -14.61
N LYS A 113 29.11 25.13 -15.85
CA LYS A 113 30.18 24.44 -16.58
C LYS A 113 31.54 24.79 -15.96
N ASN A 114 31.74 26.07 -15.68
CA ASN A 114 32.91 26.57 -14.96
C ASN A 114 32.54 27.88 -14.27
N ASP A 115 33.53 28.72 -13.97
CA ASP A 115 33.28 29.96 -13.23
C ASP A 115 32.59 31.02 -14.09
N ASP A 116 32.67 30.84 -15.41
CA ASP A 116 32.19 31.81 -16.40
C ASP A 116 31.03 31.33 -17.27
N THR A 117 30.85 30.02 -17.38
CA THR A 117 29.91 29.42 -18.33
C THR A 117 28.72 28.69 -17.67
N LEU A 118 27.51 29.07 -18.07
CA LEU A 118 26.29 28.35 -17.71
C LEU A 118 25.83 27.50 -18.88
N PHE A 119 25.65 26.22 -18.63
CA PHE A 119 25.22 25.28 -19.67
C PHE A 119 23.71 25.11 -19.55
N VAL A 120 23.00 25.38 -20.64
CA VAL A 120 21.55 25.45 -20.65
C VAL A 120 20.96 24.68 -21.83
N CYS A 121 20.00 23.80 -21.53
CA CYS A 121 19.21 23.09 -22.53
C CYS A 121 17.73 23.32 -22.26
N GLY A 122 16.95 23.36 -23.32
CA GLY A 122 15.50 23.58 -23.23
C GLY A 122 14.71 22.64 -24.13
N THR A 123 13.48 22.33 -23.74
CA THR A 123 12.63 21.42 -24.53
C THR A 123 12.47 21.90 -25.97
N ASN A 124 12.46 23.22 -26.13
CA ASN A 124 12.36 23.87 -27.42
C ASN A 124 11.20 23.37 -28.29
N ALA A 125 10.00 23.40 -27.72
CA ALA A 125 8.80 22.94 -28.43
C ALA A 125 8.98 21.55 -29.05
N PHE A 126 9.42 20.61 -28.21
CA PHE A 126 9.64 19.21 -28.60
C PHE A 126 10.74 19.09 -29.65
N ASN A 127 11.78 19.89 -29.47
CA ASN A 127 12.96 19.78 -30.32
C ASN A 127 14.19 20.25 -29.52
N PRO A 128 14.57 19.48 -28.48
CA PRO A 128 15.53 19.94 -27.47
C PRO A 128 16.86 20.38 -28.04
N SER A 129 17.43 21.41 -27.43
CA SER A 129 18.71 21.95 -27.84
C SER A 129 19.40 22.61 -26.65
N CYS A 130 20.72 22.77 -26.78
CA CYS A 130 21.56 23.27 -25.71
C CYS A 130 22.43 24.42 -26.21
N ARG A 131 22.71 25.36 -25.31
CA ARG A 131 23.60 26.48 -25.57
C ARG A 131 24.50 26.72 -24.37
N ASN A 132 25.62 27.41 -24.58
CA ASN A 132 26.43 27.94 -23.49
C ASN A 132 26.10 29.42 -23.28
N TYR A 133 25.95 29.83 -22.03
CA TYR A 133 25.70 31.22 -21.66
C TYR A 133 26.76 31.70 -20.66
N ARG A 134 27.06 33.01 -20.70
CA ARG A 134 28.00 33.61 -19.74
C ARG A 134 27.24 34.02 -18.47
N VAL A 135 27.86 33.78 -17.32
CA VAL A 135 27.23 34.05 -16.01
C VAL A 135 26.81 35.52 -15.85
N ASP A 136 27.76 36.43 -16.05
CA ASP A 136 27.54 37.86 -15.81
C ASP A 136 26.53 38.51 -16.78
N THR A 137 26.69 38.23 -18.06
CA THR A 137 25.93 38.89 -19.12
C THR A 137 24.61 38.18 -19.48
N LEU A 138 24.53 36.87 -19.18
CA LEU A 138 23.36 36.04 -19.47
C LEU A 138 22.96 36.01 -20.95
N GLU A 139 23.94 36.17 -21.82
CA GLU A 139 23.71 36.03 -23.24
C GLU A 139 24.54 34.89 -23.79
N THR A 140 24.03 34.26 -24.84
CA THR A 140 24.64 33.06 -25.40
C THR A 140 25.96 33.38 -26.11
N PHE A 141 26.80 32.35 -26.22
CA PHE A 141 28.01 32.42 -27.02
C PHE A 141 28.29 31.03 -27.57
N GLY A 142 28.75 30.99 -28.82
CA GLY A 142 28.98 29.72 -29.50
C GLY A 142 27.74 29.25 -30.23
N ASP A 143 27.91 28.21 -31.03
CA ASP A 143 26.79 27.64 -31.77
C ASP A 143 25.85 26.94 -30.81
N GLU A 144 24.56 26.88 -31.17
CA GLU A 144 23.62 25.95 -30.53
C GLU A 144 24.04 24.52 -30.81
N PHE A 145 23.72 23.61 -29.89
CA PHE A 145 23.82 22.18 -30.20
C PHE A 145 22.62 21.36 -29.75
N SER A 146 22.58 20.12 -30.22
CA SER A 146 21.48 19.19 -30.00
C SER A 146 21.27 18.88 -28.52
N GLY A 147 20.03 18.95 -28.08
CA GLY A 147 19.66 18.54 -26.74
C GLY A 147 19.21 17.10 -26.73
N MET A 148 19.43 16.40 -27.84
CA MET A 148 19.03 15.00 -27.93
C MET A 148 19.85 14.18 -26.95
N ALA A 149 19.12 13.47 -26.06
CA ALA A 149 19.72 12.70 -24.98
C ALA A 149 20.41 13.54 -23.90
N ARG A 150 20.29 14.87 -23.96
CA ARG A 150 20.80 15.78 -22.92
C ARG A 150 19.67 16.52 -22.22
N CYS A 151 18.52 16.59 -22.88
CA CYS A 151 17.36 17.33 -22.41
C CYS A 151 16.12 16.71 -23.03
N PRO A 152 15.02 16.63 -22.27
CA PRO A 152 13.78 16.04 -22.79
C PRO A 152 13.03 16.92 -23.82
N TYR A 153 12.09 16.30 -24.56
CA TYR A 153 11.22 16.98 -25.52
C TYR A 153 10.04 17.57 -24.81
N ASP A 154 9.57 16.85 -23.78
CA ASP A 154 8.34 17.16 -23.08
C ASP A 154 8.66 17.71 -21.69
N ALA A 155 8.05 18.85 -21.37
CA ALA A 155 8.29 19.56 -20.12
C ALA A 155 7.84 18.79 -18.88
N LYS A 156 6.78 18.00 -19.00
CA LYS A 156 6.25 17.26 -17.85
C LYS A 156 7.15 16.07 -17.45
N HIS A 157 8.15 15.78 -18.28
CA HIS A 157 9.05 14.66 -18.04
C HIS A 157 10.20 14.99 -17.09
N ALA A 158 10.63 14.00 -16.31
CA ALA A 158 11.76 14.19 -15.41
C ALA A 158 13.09 13.81 -16.05
N ASN A 159 14.11 14.61 -15.79
CA ASN A 159 15.44 14.41 -16.36
C ASN A 159 16.55 14.75 -15.37
N ILE A 160 17.72 14.20 -15.61
CA ILE A 160 18.91 14.38 -14.78
C ILE A 160 20.01 14.95 -15.66
N ALA A 161 20.76 15.94 -15.15
CA ALA A 161 22.01 16.41 -15.80
C ALA A 161 23.08 16.80 -14.78
N LEU A 162 24.32 16.44 -15.07
CA LEU A 162 25.40 16.70 -14.12
C LEU A 162 26.75 16.76 -14.83
N PHE A 163 27.59 17.69 -14.40
CA PHE A 163 28.97 17.72 -14.84
C PHE A 163 29.88 17.06 -13.80
N ALA A 164 30.91 16.37 -14.28
CA ALA A 164 31.97 15.82 -13.43
C ALA A 164 33.20 15.64 -14.30
N ASP A 165 34.33 16.14 -13.82
CA ASP A 165 35.59 16.22 -14.59
C ASP A 165 35.33 16.68 -16.04
N GLY A 166 34.36 17.57 -16.22
CA GLY A 166 34.05 18.15 -17.52
C GLY A 166 33.10 17.35 -18.41
N LYS A 167 32.73 16.15 -17.97
CA LYS A 167 31.84 15.30 -18.77
C LYS A 167 30.40 15.59 -18.36
N LEU A 168 29.51 15.65 -19.34
CA LEU A 168 28.11 15.85 -19.08
C LEU A 168 27.42 14.49 -18.96
N TYR A 169 26.79 14.24 -17.82
CA TYR A 169 26.03 13.02 -17.59
C TYR A 169 24.56 13.36 -17.62
N SER A 170 23.82 12.75 -18.53
CA SER A 170 22.40 13.05 -18.64
C SER A 170 21.56 11.79 -18.71
N ALA A 171 20.31 11.93 -18.29
CA ALA A 171 19.39 10.81 -18.30
C ALA A 171 18.02 11.32 -18.73
N THR A 172 17.53 10.80 -19.84
CA THR A 172 16.30 11.30 -20.47
C THR A 172 15.87 10.37 -21.62
N VAL A 173 15.04 10.85 -22.55
CA VAL A 173 14.71 10.06 -23.76
C VAL A 173 15.41 10.68 -24.99
N THR A 174 15.81 9.85 -25.96
CA THR A 174 16.37 10.40 -27.21
C THR A 174 15.29 10.76 -28.23
N ASP A 175 14.07 10.25 -28.05
CA ASP A 175 13.04 10.37 -29.10
C ASP A 175 11.80 11.21 -28.75
N PHE A 176 11.16 11.73 -29.79
CA PHE A 176 9.93 12.50 -29.68
C PHE A 176 8.85 11.69 -28.96
N LEU A 177 8.78 10.41 -29.30
CA LEU A 177 7.78 9.52 -28.75
C LEU A 177 8.12 9.09 -27.31
N ALA A 178 9.38 9.28 -26.90
CA ALA A 178 9.79 8.98 -25.52
C ALA A 178 9.84 7.47 -25.23
N ILE A 179 10.35 6.69 -26.17
CA ILE A 179 10.45 5.25 -26.00
C ILE A 179 11.89 4.87 -25.65
N ASP A 180 12.85 5.59 -26.22
CA ASP A 180 14.25 5.29 -26.03
C ASP A 180 14.89 6.02 -24.84
N ALA A 181 14.49 5.64 -23.63
CA ALA A 181 15.12 6.17 -22.43
C ALA A 181 16.61 5.80 -22.34
N VAL A 182 17.42 6.77 -21.95
CA VAL A 182 18.87 6.59 -21.97
C VAL A 182 19.54 7.20 -20.75
N ILE A 183 20.67 6.61 -20.34
CA ILE A 183 21.64 7.29 -19.51
C ILE A 183 22.85 7.54 -20.40
N TYR A 184 23.30 8.79 -20.42
CA TYR A 184 24.18 9.27 -21.47
C TYR A 184 25.38 10.04 -20.90
N ARG A 185 26.48 10.02 -21.65
CA ARG A 185 27.62 10.87 -21.34
C ARG A 185 28.23 11.43 -22.61
N SER A 186 28.46 12.73 -22.64
CA SER A 186 29.11 13.37 -23.77
C SER A 186 29.95 14.56 -23.29
N LEU A 187 30.73 15.14 -24.20
CA LEU A 187 31.62 16.29 -23.94
C LEU A 187 32.82 15.89 -23.12
N GLY A 188 33.51 16.89 -22.60
CA GLY A 188 34.68 16.69 -21.74
C GLY A 188 35.85 16.02 -22.43
N ASP A 189 35.91 16.15 -23.76
CA ASP A 189 36.98 15.54 -24.57
C ASP A 189 37.08 14.01 -24.40
N SER A 190 36.04 13.40 -23.87
CA SER A 190 36.02 11.95 -23.68
C SER A 190 35.00 11.33 -24.64
N PRO A 191 35.02 9.99 -24.83
CA PRO A 191 34.05 9.33 -25.69
C PRO A 191 32.60 9.54 -25.28
N THR A 192 31.69 9.23 -26.20
CA THR A 192 30.26 9.35 -25.98
C THR A 192 29.71 7.98 -25.66
N LEU A 193 29.01 7.87 -24.53
CA LEU A 193 28.53 6.58 -24.02
C LEU A 193 27.03 6.60 -23.74
N ARG A 194 26.36 5.50 -24.06
CA ARG A 194 24.96 5.34 -23.72
C ARG A 194 24.61 3.95 -23.19
N THR A 195 23.51 3.86 -22.45
CA THR A 195 22.92 2.58 -22.10
C THR A 195 22.42 1.89 -23.37
N VAL A 196 22.53 0.56 -23.44
CA VAL A 196 22.14 -0.20 -24.67
C VAL A 196 20.69 0.05 -25.08
N LYS A 197 20.49 0.47 -26.33
CA LYS A 197 19.17 0.84 -26.85
C LYS A 197 18.18 -0.33 -26.82
N HIS A 198 16.98 -0.07 -26.30
CA HIS A 198 15.86 -1.06 -26.24
C HIS A 198 16.13 -2.32 -25.43
N ASP A 199 17.16 -2.30 -24.59
CA ASP A 199 17.40 -3.43 -23.70
C ASP A 199 16.70 -3.21 -22.36
N SER A 200 15.67 -4.01 -22.10
CA SER A 200 14.87 -3.84 -20.88
C SER A 200 15.54 -4.43 -19.63
N LYS A 201 16.71 -5.05 -19.80
CA LYS A 201 17.52 -5.50 -18.67
C LYS A 201 18.29 -4.31 -18.09
N TRP A 202 18.66 -3.38 -18.98
CA TRP A 202 19.31 -2.14 -18.58
C TRP A 202 18.34 -1.12 -17.99
N LEU A 203 17.31 -0.77 -18.75
CA LEU A 203 16.28 0.17 -18.30
C LEU A 203 14.93 -0.22 -18.86
N LYS A 204 13.89 -0.13 -18.02
CA LYS A 204 12.55 -0.44 -18.46
C LYS A 204 11.55 0.62 -18.00
N GLU A 205 11.28 1.54 -18.91
CA GLU A 205 10.36 2.67 -18.67
C GLU A 205 10.74 3.44 -17.40
N PRO A 206 12.03 3.83 -17.31
CA PRO A 206 12.53 4.47 -16.10
C PRO A 206 11.99 5.87 -15.89
N TYR A 207 12.09 6.32 -14.66
CA TYR A 207 11.71 7.67 -14.31
C TYR A 207 12.88 8.21 -13.51
N PHE A 208 13.59 9.15 -14.13
CA PHE A 208 14.86 9.66 -13.60
C PHE A 208 14.65 10.69 -12.52
N VAL A 209 15.38 10.50 -11.40
CA VAL A 209 15.15 11.32 -10.23
C VAL A 209 16.35 12.19 -9.83
N GLN A 210 17.56 11.61 -9.78
CA GLN A 210 18.73 12.31 -9.23
C GLN A 210 20.04 11.60 -9.59
N ALA A 211 21.08 12.37 -9.87
CA ALA A 211 22.42 11.83 -10.04
C ALA A 211 23.37 12.50 -9.06
N VAL A 212 24.40 11.77 -8.63
CA VAL A 212 25.33 12.18 -7.58
C VAL A 212 26.79 11.88 -7.96
N ASP A 213 27.70 12.79 -7.67
CA ASP A 213 29.15 12.56 -7.80
C ASP A 213 29.66 12.01 -6.48
N TYR A 214 30.30 10.84 -6.49
CA TYR A 214 30.87 10.28 -5.26
C TYR A 214 31.90 9.20 -5.53
N GLY A 215 33.06 9.32 -4.89
CA GLY A 215 34.16 8.37 -5.10
C GLY A 215 34.57 8.40 -6.56
N ASP A 216 34.77 7.23 -7.16
CA ASP A 216 35.17 7.12 -8.57
C ASP A 216 33.97 6.86 -9.48
N TYR A 217 32.78 7.13 -8.95
CA TYR A 217 31.53 6.79 -9.63
C TYR A 217 30.57 7.97 -9.77
N ILE A 218 29.68 7.88 -10.74
CA ILE A 218 28.46 8.69 -10.73
C ILE A 218 27.33 7.74 -10.39
N TYR A 219 26.53 8.08 -9.38
CA TYR A 219 25.38 7.24 -9.00
C TYR A 219 24.08 7.86 -9.48
N PHE A 220 23.28 7.08 -10.19
CA PHE A 220 21.98 7.54 -10.66
C PHE A 220 20.87 6.89 -9.84
N PHE A 221 19.84 7.65 -9.52
CA PHE A 221 18.68 7.19 -8.77
C PHE A 221 17.45 7.43 -9.61
N PHE A 222 16.61 6.42 -9.71
CA PHE A 222 15.45 6.43 -10.58
C PHE A 222 14.52 5.29 -10.22
N ARG A 223 13.29 5.36 -10.73
CA ARG A 223 12.36 4.24 -10.64
C ARG A 223 12.12 3.65 -12.01
N GLU A 224 11.89 2.34 -12.08
CA GLU A 224 11.56 1.67 -13.34
C GLU A 224 10.67 0.46 -13.04
N ILE A 225 10.18 -0.18 -14.10
CA ILE A 225 9.41 -1.39 -13.94
C ILE A 225 10.35 -2.54 -13.55
N ALA A 226 9.92 -3.31 -12.56
CA ALA A 226 10.74 -4.38 -12.02
C ALA A 226 10.68 -5.62 -12.91
N VAL A 227 11.82 -6.00 -13.47
CA VAL A 227 11.92 -7.27 -14.20
C VAL A 227 11.94 -8.48 -13.27
N GLU A 228 12.35 -8.29 -12.02
CA GLU A 228 12.40 -9.38 -11.03
C GLU A 228 11.00 -9.75 -10.58
N TYR A 229 10.08 -8.82 -10.73
CA TYR A 229 8.76 -8.97 -10.15
C TYR A 229 7.74 -8.76 -11.28
N ASN A 230 7.84 -9.54 -12.35
CA ASN A 230 6.93 -9.38 -13.48
C ASN A 230 5.76 -10.38 -13.49
N THR A 231 5.57 -11.08 -12.37
CA THR A 231 4.43 -11.96 -12.22
C THR A 231 3.18 -11.10 -12.10
N MET A 232 2.62 -11.00 -10.90
CA MET A 232 1.36 -10.28 -10.70
CA MET A 232 1.36 -10.27 -10.69
C MET A 232 1.49 -8.79 -11.06
N GLY A 233 1.41 -8.50 -12.37
CA GLY A 233 1.42 -7.14 -12.92
C GLY A 233 2.76 -6.42 -13.06
N LYS A 234 2.66 -5.24 -13.67
CA LYS A 234 3.75 -4.27 -13.73
C LYS A 234 3.97 -3.70 -12.33
N VAL A 235 5.18 -3.83 -11.80
CA VAL A 235 5.50 -3.28 -10.51
C VAL A 235 6.70 -2.35 -10.67
N VAL A 236 6.62 -1.18 -10.06
CA VAL A 236 7.71 -0.22 -10.13
C VAL A 236 8.63 -0.41 -8.93
N PHE A 237 9.93 -0.52 -9.20
CA PHE A 237 10.98 -0.55 -8.16
C PHE A 237 11.84 0.71 -8.20
N PRO A 238 12.35 1.16 -7.04
CA PRO A 238 13.35 2.23 -7.04
C PRO A 238 14.77 1.66 -7.21
N ARG A 239 15.62 2.39 -7.92
CA ARG A 239 16.98 1.95 -8.19
C ARG A 239 18.05 2.98 -7.81
N VAL A 240 19.24 2.47 -7.53
CA VAL A 240 20.45 3.26 -7.59
C VAL A 240 21.32 2.52 -8.57
N ALA A 241 21.99 3.27 -9.43
CA ALA A 241 22.90 2.68 -10.41
C ALA A 241 24.23 3.42 -10.40
N GLN A 242 25.29 2.70 -10.75
CA GLN A 242 26.63 3.25 -10.77
C GLN A 242 27.16 3.29 -12.18
N VAL A 243 27.98 4.30 -12.47
CA VAL A 243 28.91 4.22 -13.57
C VAL A 243 30.30 4.64 -13.10
N CYS A 244 31.34 4.08 -13.73
CA CYS A 244 32.71 4.59 -13.53
C CYS A 244 32.86 5.94 -14.22
N LYS A 245 33.32 6.93 -13.48
CA LYS A 245 33.73 8.22 -14.04
C LYS A 245 34.68 8.08 -15.24
N ASN A 246 35.49 7.03 -15.24
CA ASN A 246 36.54 6.87 -16.25
C ASN A 246 36.21 5.85 -17.35
N ASP A 247 34.93 5.48 -17.42
CA ASP A 247 34.48 4.52 -18.44
C ASP A 247 34.81 5.07 -19.82
N MET A 248 35.43 4.23 -20.65
CA MET A 248 35.80 4.62 -22.00
C MET A 248 34.96 3.89 -23.06
N GLY A 249 34.03 3.08 -22.58
CA GLY A 249 33.28 2.20 -23.46
C GLY A 249 34.04 0.93 -23.71
N GLY A 250 33.47 0.05 -24.54
CA GLY A 250 34.03 -1.27 -24.81
C GLY A 250 34.97 -1.28 -26.00
N SER A 251 35.07 -2.45 -26.63
CA SER A 251 35.89 -2.62 -27.81
C SER A 251 34.99 -2.94 -29.00
N GLN A 252 35.59 -3.27 -30.13
CA GLN A 252 34.83 -3.51 -31.38
C GLN A 252 33.83 -4.66 -31.28
N ARG A 253 34.18 -5.69 -30.52
CA ARG A 253 33.30 -6.86 -30.36
C ARG A 253 32.17 -6.65 -29.37
N VAL A 254 32.40 -5.85 -28.32
CA VAL A 254 31.40 -5.73 -27.24
C VAL A 254 31.27 -4.33 -26.63
N LEU A 255 30.03 -3.92 -26.40
CA LEU A 255 29.65 -2.64 -25.80
C LEU A 255 30.37 -1.40 -26.35
N GLU A 256 30.67 -1.43 -27.65
CA GLU A 256 31.32 -0.30 -28.29
C GLU A 256 30.46 0.96 -28.11
N LYS A 257 31.11 2.06 -27.73
CA LYS A 257 30.42 3.35 -27.46
C LYS A 257 29.30 3.19 -26.43
N GLN A 258 29.44 2.21 -25.54
CA GLN A 258 28.47 1.97 -24.48
C GLN A 258 29.15 1.76 -23.13
N TRP A 259 28.41 1.99 -22.06
CA TRP A 259 28.92 1.80 -20.71
C TRP A 259 29.51 0.40 -20.49
N THR A 260 30.62 0.35 -19.78
CA THR A 260 31.21 -0.94 -19.40
C THR A 260 31.21 -1.10 -17.89
N SER A 261 30.48 -0.24 -17.20
CA SER A 261 30.47 -0.24 -15.76
C SER A 261 29.06 -0.17 -15.15
N PHE A 262 28.06 -0.13 -16.03
CA PHE A 262 26.68 0.11 -15.59
C PHE A 262 26.15 -1.08 -14.82
N LEU A 263 25.78 -0.79 -13.57
CA LEU A 263 25.22 -1.77 -12.68
C LEU A 263 24.16 -1.07 -11.81
N LYS A 264 23.10 -1.80 -11.45
CA LYS A 264 22.02 -1.22 -10.67
C LYS A 264 21.50 -2.21 -9.64
N ALA A 265 20.65 -1.71 -8.74
CA ALA A 265 20.18 -2.50 -7.62
C ALA A 265 18.92 -1.92 -7.03
N ARG A 266 18.08 -2.79 -6.50
CA ARG A 266 16.90 -2.34 -5.82
C ARG A 266 17.33 -1.53 -4.60
N LEU A 267 16.55 -0.48 -4.28
CA LEU A 267 16.70 0.27 -3.04
C LEU A 267 15.61 -0.16 -2.07
N ASN A 268 16.01 -0.56 -0.87
CA ASN A 268 15.08 -1.05 0.15
C ASN A 268 14.59 0.04 1.09
N CYS A 269 13.36 0.48 0.91
CA CYS A 269 12.73 1.34 1.89
C CYS A 269 11.49 0.64 2.37
N SER A 270 11.51 0.13 3.59
CA SER A 270 10.41 -0.70 4.09
C SER A 270 10.20 -0.68 5.60
N VAL A 271 8.95 -0.84 6.02
CA VAL A 271 8.61 -1.05 7.43
C VAL A 271 8.48 -2.55 7.62
N PRO A 272 9.45 -3.17 8.32
CA PRO A 272 9.46 -4.62 8.53
C PRO A 272 8.28 -5.23 9.30
N GLY A 273 7.86 -6.41 8.84
CA GLY A 273 6.87 -7.25 9.53
C GLY A 273 6.92 -8.70 9.08
N ASP A 274 5.86 -9.45 9.39
CA ASP A 274 5.66 -10.81 8.85
C ASP A 274 5.60 -10.77 7.32
N SER A 275 4.89 -9.79 6.78
CA SER A 275 5.09 -9.34 5.42
C SER A 275 5.61 -7.90 5.48
N HIS A 276 6.77 -7.66 4.88
CA HIS A 276 7.33 -6.31 4.77
C HIS A 276 6.43 -5.42 3.93
N PHE A 277 6.36 -4.14 4.28
CA PHE A 277 5.64 -3.16 3.49
C PHE A 277 6.57 -2.16 2.82
N TYR A 278 6.67 -2.27 1.50
CA TYR A 278 7.56 -1.39 0.73
C TYR A 278 6.93 -0.07 0.29
N PHE A 279 7.78 0.96 0.26
CA PHE A 279 7.53 2.22 -0.46
C PHE A 279 8.43 2.16 -1.69
N ASN A 280 7.81 1.99 -2.86
CA ASN A 280 8.55 1.66 -4.07
C ASN A 280 8.78 2.83 -5.03
N ILE A 281 8.05 3.92 -4.86
CA ILE A 281 8.04 5.01 -5.84
C ILE A 281 9.00 6.12 -5.45
N LEU A 282 10.20 6.09 -5.99
CA LEU A 282 11.19 7.07 -5.62
C LEU A 282 10.72 8.47 -6.01
N GLN A 283 10.65 9.35 -5.02
CA GLN A 283 10.19 10.72 -5.22
C GLN A 283 11.36 11.70 -5.37
N ALA A 284 12.27 11.74 -4.40
CA ALA A 284 13.45 12.64 -4.46
C ALA A 284 14.67 12.10 -3.72
N VAL A 285 15.84 12.62 -4.07
CA VAL A 285 17.09 12.20 -3.49
C VAL A 285 18.01 13.41 -3.32
N THR A 286 18.57 13.55 -2.12
CA THR A 286 19.47 14.64 -1.79
C THR A 286 20.82 14.49 -2.50
N ASP A 287 21.65 15.52 -2.39
CA ASP A 287 23.07 15.35 -2.65
C ASP A 287 23.67 14.57 -1.46
N VAL A 288 24.92 14.14 -1.60
CA VAL A 288 25.61 13.44 -0.54
C VAL A 288 25.83 14.39 0.62
N ILE A 289 25.40 13.97 1.80
CA ILE A 289 25.51 14.76 3.01
C ILE A 289 26.36 13.98 4.02
N ARG A 290 27.21 14.70 4.75
CA ARG A 290 28.02 14.08 5.80
C ARG A 290 27.26 14.18 7.12
N ILE A 291 26.99 13.04 7.74
CA ILE A 291 26.21 12.96 8.98
C ILE A 291 26.87 12.01 9.96
N ASN A 292 27.36 12.58 11.05
CA ASN A 292 28.05 11.84 12.11
C ASN A 292 29.02 10.79 11.60
N GLY A 293 29.98 11.23 10.78
CA GLY A 293 31.04 10.35 10.28
C GLY A 293 30.66 9.50 9.08
N ARG A 294 29.41 9.62 8.64
CA ARG A 294 28.92 8.82 7.51
C ARG A 294 28.52 9.70 6.33
N ASP A 295 28.88 9.28 5.12
CA ASP A 295 28.39 9.93 3.90
C ASP A 295 27.11 9.27 3.43
N VAL A 296 26.04 10.06 3.30
CA VAL A 296 24.70 9.52 3.04
C VAL A 296 23.88 10.32 2.02
N VAL A 297 22.84 9.68 1.50
CA VAL A 297 21.77 10.38 0.79
C VAL A 297 20.49 10.09 1.53
N LEU A 298 19.59 11.06 1.47
CA LEU A 298 18.26 10.92 2.01
C LEU A 298 17.31 10.89 0.83
N ALA A 299 16.33 10.00 0.90
CA ALA A 299 15.41 9.80 -0.21
C ALA A 299 13.96 9.69 0.26
N THR A 300 13.07 10.32 -0.50
CA THR A 300 11.64 10.19 -0.29
C THR A 300 11.08 9.13 -1.23
N PHE A 301 10.12 8.36 -0.74
CA PHE A 301 9.47 7.32 -1.51
C PHE A 301 8.00 7.40 -1.19
N SER A 302 7.14 7.01 -2.14
CA SER A 302 5.73 6.87 -1.81
C SER A 302 5.19 5.52 -2.24
N THR A 303 3.95 5.24 -1.86
CA THR A 303 3.20 4.09 -2.36
C THR A 303 2.69 4.46 -3.76
N PRO A 304 2.53 3.46 -4.67
CA PRO A 304 2.16 3.81 -6.07
C PRO A 304 0.95 4.72 -6.13
N TYR A 305 0.81 5.47 -7.24
CA TYR A 305 -0.26 6.46 -7.35
C TYR A 305 -1.66 5.83 -7.25
N ASN A 306 -1.70 4.52 -7.41
CA ASN A 306 -2.92 3.76 -7.25
C ASN A 306 -2.87 2.87 -6.01
N SER A 307 -2.91 3.47 -4.83
CA SER A 307 -2.98 2.74 -3.57
C SER A 307 -3.37 3.72 -2.47
N ILE A 308 -3.49 3.25 -1.24
CA ILE A 308 -3.71 4.19 -0.14
C ILE A 308 -2.43 5.00 0.06
N PRO A 309 -2.54 6.34 -0.05
CA PRO A 309 -1.36 7.20 -0.06
C PRO A 309 -0.51 7.13 1.21
N GLY A 310 0.77 6.85 1.02
CA GLY A 310 1.75 6.84 2.08
C GLY A 310 3.10 7.31 1.58
N SER A 311 3.87 7.92 2.47
CA SER A 311 5.18 8.45 2.13
C SER A 311 6.20 8.09 3.22
N ALA A 312 7.46 8.04 2.82
CA ALA A 312 8.53 7.61 3.70
C ALA A 312 9.85 8.25 3.30
N VAL A 313 10.66 8.58 4.30
CA VAL A 313 12.02 9.01 4.08
C VAL A 313 13.00 7.95 4.59
N CYS A 314 13.89 7.51 3.72
CA CYS A 314 14.87 6.49 4.03
C CYS A 314 16.24 7.07 3.75
N ALA A 315 17.24 6.68 4.52
CA ALA A 315 18.60 7.16 4.32
C ALA A 315 19.50 6.02 3.86
N TYR A 316 20.47 6.33 3.00
CA TYR A 316 21.37 5.31 2.51
C TYR A 316 22.82 5.72 2.66
N ASP A 317 23.59 4.86 3.31
CA ASP A 317 25.01 5.05 3.44
C ASP A 317 25.61 4.75 2.08
N MET A 318 26.44 5.66 1.58
CA MET A 318 27.18 5.47 0.33
C MET A 318 28.04 4.22 0.39
N LEU A 319 28.39 3.77 1.58
CA LEU A 319 29.18 2.57 1.71
C LEU A 319 28.37 1.32 1.38
N ASP A 320 27.13 1.28 1.90
CA ASP A 320 26.21 0.18 1.62
C ASP A 320 25.80 0.15 0.15
N ILE A 321 25.63 1.33 -0.44
CA ILE A 321 25.45 1.43 -1.89
C ILE A 321 26.64 0.80 -2.62
N ALA A 322 27.86 1.24 -2.29
CA ALA A 322 29.07 0.67 -2.89
C ALA A 322 29.20 -0.83 -2.64
N ASN A 323 28.79 -1.26 -1.43
CA ASN A 323 28.86 -2.66 -1.03
C ASN A 323 27.97 -3.59 -1.84
N VAL A 324 26.78 -3.10 -2.20
CA VAL A 324 25.86 -3.89 -3.01
C VAL A 324 26.46 -4.24 -4.37
N PHE A 325 27.19 -3.30 -4.97
CA PHE A 325 27.78 -3.52 -6.29
C PHE A 325 29.00 -4.44 -6.29
N THR A 326 29.40 -4.93 -5.12
CA THR A 326 30.47 -5.93 -5.05
C THR A 326 29.91 -7.33 -4.75
N GLY A 327 28.64 -7.38 -4.32
CA GLY A 327 27.98 -8.64 -4.04
C GLY A 327 27.63 -9.40 -5.31
N ARG A 328 26.62 -10.27 -5.22
CA ARG A 328 26.31 -11.11 -6.36
C ARG A 328 25.27 -10.54 -7.31
N PHE A 329 25.47 -10.85 -8.59
CA PHE A 329 24.57 -10.49 -9.68
C PHE A 329 23.35 -11.41 -9.76
N LYS A 330 22.24 -10.85 -10.26
CA LYS A 330 21.00 -11.58 -10.45
C LYS A 330 20.96 -12.18 -11.86
N GLU A 331 20.19 -13.26 -12.01
CA GLU A 331 19.98 -13.90 -13.31
C GLU A 331 18.63 -14.60 -13.34
N GLN A 332 18.16 -14.86 -14.56
CA GLN A 332 16.94 -15.63 -14.78
C GLN A 332 17.32 -16.75 -15.73
N LYS A 333 17.51 -17.94 -15.14
CA LYS A 333 17.96 -19.13 -15.86
C LYS A 333 17.02 -19.58 -16.97
N SER A 334 15.74 -19.25 -16.85
CA SER A 334 14.69 -19.76 -17.73
C SER A 334 13.52 -18.78 -17.76
N PRO A 335 12.88 -18.60 -18.92
CA PRO A 335 11.82 -17.60 -19.16
C PRO A 335 10.78 -17.42 -18.02
N ASP A 336 10.34 -18.52 -17.42
CA ASP A 336 9.43 -18.40 -16.29
C ASP A 336 9.97 -19.14 -15.05
N SER A 337 11.27 -18.99 -14.82
CA SER A 337 11.87 -19.35 -13.54
C SER A 337 12.15 -18.07 -12.74
N THR A 338 12.36 -18.21 -11.45
CA THR A 338 12.58 -17.07 -10.57
C THR A 338 13.99 -16.49 -10.75
N TRP A 339 14.20 -15.26 -10.25
CA TRP A 339 15.50 -14.60 -10.35
C TRP A 339 16.43 -15.00 -9.21
N THR A 340 17.58 -15.57 -9.54
CA THR A 340 18.54 -16.05 -8.52
C THR A 340 19.92 -15.38 -8.57
N PRO A 341 20.71 -15.54 -7.48
CA PRO A 341 22.10 -15.07 -7.49
C PRO A 341 23.02 -15.90 -8.37
N VAL A 342 23.80 -15.22 -9.20
CA VAL A 342 24.85 -15.87 -9.96
C VAL A 342 25.96 -16.24 -8.98
N PRO A 343 26.35 -17.52 -8.94
CA PRO A 343 27.49 -17.93 -8.13
C PRO A 343 28.80 -17.36 -8.69
N ASP A 344 29.65 -16.87 -7.78
CA ASP A 344 30.91 -16.22 -8.12
C ASP A 344 31.78 -16.95 -9.15
N GLU A 345 31.71 -18.28 -9.17
CA GLU A 345 32.50 -19.07 -10.12
C GLU A 345 32.19 -18.69 -11.57
N ARG A 346 30.95 -18.27 -11.83
CA ARG A 346 30.57 -17.86 -13.17
C ARG A 346 30.82 -16.39 -13.47
N VAL A 347 31.37 -15.66 -12.51
CA VAL A 347 31.73 -14.26 -12.71
C VAL A 347 33.16 -14.14 -13.24
N PRO A 348 33.35 -13.56 -14.44
CA PRO A 348 34.66 -13.45 -15.07
C PRO A 348 35.61 -12.52 -14.32
N LYS A 349 36.90 -12.58 -14.67
CA LYS A 349 37.89 -11.60 -14.25
C LYS A 349 38.47 -10.89 -15.47
N PRO A 350 38.59 -9.55 -15.41
CA PRO A 350 38.27 -8.65 -14.30
C PRO A 350 36.78 -8.61 -13.97
N ARG A 351 36.46 -8.31 -12.71
CA ARG A 351 35.08 -8.32 -12.24
C ARG A 351 34.25 -7.22 -12.93
N PRO A 352 33.10 -7.60 -13.51
CA PRO A 352 32.23 -6.62 -14.16
C PRO A 352 31.86 -5.51 -13.19
N GLY A 353 32.06 -4.27 -13.63
CA GLY A 353 31.75 -3.10 -12.82
C GLY A 353 32.93 -2.50 -12.10
N CYS A 354 34.10 -3.11 -12.25
CA CYS A 354 35.31 -2.52 -11.71
C CYS A 354 35.92 -1.55 -12.71
N CYS A 355 36.24 -0.36 -12.24
CA CYS A 355 36.86 0.65 -13.07
C CYS A 355 38.31 0.30 -13.41
N ALA A 356 38.65 0.39 -14.68
CA ALA A 356 40.03 0.28 -15.13
C ALA A 356 40.94 1.12 -14.23
N GLY A 357 42.04 0.52 -13.77
CA GLY A 357 42.99 1.22 -12.92
C GLY A 357 42.80 0.93 -11.43
N SER A 358 41.67 0.31 -11.10
CA SER A 358 41.38 -0.03 -9.71
C SER A 358 42.13 -1.33 -9.33
N SER A 359 41.98 -1.73 -8.07
CA SER A 359 42.71 -2.88 -7.52
C SER A 359 42.53 -4.19 -8.31
N SER A 360 43.64 -4.68 -8.87
CA SER A 360 43.70 -5.89 -9.72
C SER A 360 43.28 -5.62 -11.18
N LEU A 361 42.88 -4.38 -11.45
CA LEU A 361 42.51 -3.97 -12.80
C LEU A 361 43.50 -2.97 -13.37
N GLU A 362 44.53 -2.65 -12.60
CA GLU A 362 45.52 -1.64 -12.98
C GLU A 362 46.27 -2.06 -14.24
N LYS A 363 46.28 -3.36 -14.50
CA LYS A 363 46.79 -3.95 -15.74
C LYS A 363 46.07 -3.37 -16.96
N TYR A 364 44.78 -3.05 -16.79
CA TYR A 364 43.98 -2.43 -17.85
C TYR A 364 44.02 -0.91 -17.74
N ALA A 365 44.60 -0.26 -18.74
CA ALA A 365 44.70 1.20 -18.75
C ALA A 365 43.37 1.86 -19.11
N THR A 366 42.45 1.06 -19.63
CA THR A 366 41.23 1.56 -20.26
C THR A 366 40.20 0.43 -20.40
N SER A 367 38.91 0.79 -20.33
CA SER A 367 37.83 -0.19 -20.42
C SER A 367 37.73 -0.83 -21.82
N ASN A 368 38.25 -0.15 -22.83
CA ASN A 368 38.35 -0.68 -24.21
C ASN A 368 39.24 -1.92 -24.30
N GLU A 369 40.06 -2.13 -23.27
CA GLU A 369 40.92 -3.31 -23.16
C GLU A 369 40.35 -4.44 -22.31
N PHE A 370 39.15 -4.24 -21.75
CA PHE A 370 38.47 -5.32 -21.01
C PHE A 370 38.20 -6.51 -21.95
N PRO A 371 38.36 -7.75 -21.45
CA PRO A 371 38.09 -8.89 -22.30
C PRO A 371 36.60 -9.04 -22.56
N ASP A 372 36.27 -9.79 -23.61
CA ASP A 372 34.89 -10.03 -24.03
C ASP A 372 34.05 -10.68 -22.93
N ASP A 373 34.65 -11.64 -22.24
CA ASP A 373 33.98 -12.35 -21.15
C ASP A 373 33.41 -11.36 -20.16
N THR A 374 34.24 -10.39 -19.76
CA THR A 374 33.85 -9.35 -18.80
C THR A 374 32.68 -8.52 -19.36
N LEU A 375 32.88 -7.98 -20.56
CA LEU A 375 31.91 -7.10 -21.20
C LEU A 375 30.58 -7.78 -21.54
N ASN A 376 30.65 -9.00 -22.07
CA ASN A 376 29.43 -9.75 -22.39
C ASN A 376 28.59 -10.00 -21.15
N PHE A 377 29.26 -10.33 -20.05
CA PHE A 377 28.61 -10.59 -18.77
C PHE A 377 27.89 -9.36 -18.22
N ILE A 378 28.55 -8.20 -18.27
CA ILE A 378 27.94 -6.99 -17.72
C ILE A 378 26.80 -6.52 -18.61
N LYS A 379 26.92 -6.76 -19.91
CA LYS A 379 25.85 -6.50 -20.86
C LYS A 379 24.61 -7.34 -20.55
N THR A 380 24.82 -8.52 -19.99
CA THR A 380 23.73 -9.47 -19.73
C THR A 380 23.19 -9.38 -18.31
N HIS A 381 24.02 -8.88 -17.40
CA HIS A 381 23.69 -8.87 -15.99
C HIS A 381 23.92 -7.49 -15.38
N PRO A 382 23.08 -6.50 -15.72
CA PRO A 382 23.34 -5.22 -15.06
C PRO A 382 22.68 -5.12 -13.68
N LEU A 383 21.79 -6.05 -13.35
CA LEU A 383 21.07 -5.98 -12.07
C LEU A 383 21.72 -6.82 -10.96
N MET A 384 22.06 -6.17 -9.85
CA MET A 384 22.60 -6.88 -8.68
C MET A 384 21.48 -7.66 -8.01
N ASP A 385 21.83 -8.78 -7.38
CA ASP A 385 20.85 -9.63 -6.71
C ASP A 385 20.31 -8.98 -5.45
N GLU A 386 21.17 -8.27 -4.72
CA GLU A 386 20.83 -7.78 -3.39
C GLU A 386 20.21 -6.39 -3.47
N ALA A 387 19.36 -6.07 -2.49
CA ALA A 387 18.79 -4.75 -2.36
C ALA A 387 19.59 -3.90 -1.36
N VAL A 388 19.65 -2.60 -1.59
CA VAL A 388 20.43 -1.72 -0.73
C VAL A 388 19.65 -1.49 0.58
N PRO A 389 20.22 -1.92 1.74
CA PRO A 389 19.55 -1.65 3.00
C PRO A 389 19.61 -0.16 3.32
N SER A 390 18.57 0.33 3.97
CA SER A 390 18.56 1.69 4.49
C SER A 390 19.20 1.69 5.89
N ILE A 391 19.57 2.88 6.36
CA ILE A 391 20.26 3.02 7.64
C ILE A 391 19.28 2.78 8.78
N ILE A 392 19.63 1.80 9.62
CA ILE A 392 18.77 1.22 10.65
C ILE A 392 17.57 0.46 10.10
N ASN A 393 17.65 0.07 8.82
CA ASN A 393 16.67 -0.79 8.17
C ASN A 393 15.20 -0.37 8.35
N ARG A 394 14.97 0.94 8.38
CA ARG A 394 13.62 1.50 8.49
C ARG A 394 13.63 3.00 8.23
N PRO A 395 12.47 3.54 7.81
CA PRO A 395 12.36 4.96 7.50
C PRO A 395 12.60 5.82 8.72
N TRP A 396 13.16 7.00 8.50
CA TRP A 396 13.41 7.97 9.56
C TRP A 396 12.18 8.83 9.74
N PHE A 397 11.32 8.84 8.72
CA PHE A 397 10.10 9.64 8.76
C PHE A 397 9.03 8.99 7.88
N LEU A 398 7.80 8.92 8.41
CA LEU A 398 6.63 8.39 7.70
C LEU A 398 5.46 9.36 7.76
N ARG A 399 4.76 9.48 6.64
CA ARG A 399 3.43 10.10 6.55
C ARG A 399 2.50 9.05 5.97
N THR A 400 1.47 8.68 6.72
CA THR A 400 0.56 7.59 6.30
C THR A 400 -0.93 7.89 6.44
N MET A 401 -1.27 9.00 7.09
CA MET A 401 -2.68 9.34 7.29
CA MET A 401 -2.65 9.37 7.37
C MET A 401 -3.00 10.73 6.75
N VAL A 402 -2.42 11.03 5.59
CA VAL A 402 -2.64 12.31 4.92
C VAL A 402 -2.91 12.14 3.42
N ARG A 403 -3.60 13.11 2.84
CA ARG A 403 -4.05 13.02 1.46
C ARG A 403 -3.03 13.57 0.47
N TYR A 404 -1.83 13.85 0.97
CA TYR A 404 -0.73 14.31 0.13
C TYR A 404 0.41 13.30 0.16
N ARG A 405 1.25 13.31 -0.87
CA ARG A 405 2.49 12.55 -0.85
C ARG A 405 3.67 13.49 -0.62
N LEU A 406 4.76 12.96 -0.04
CA LEU A 406 5.99 13.70 0.22
C LEU A 406 6.91 13.63 -0.99
N THR A 407 7.39 14.78 -1.45
CA THR A 407 8.23 14.81 -2.64
C THR A 407 9.65 15.35 -2.39
N LYS A 408 9.84 16.65 -2.57
CA LYS A 408 11.16 17.26 -2.58
C LYS A 408 11.81 17.24 -1.20
N ILE A 409 13.14 17.33 -1.19
CA ILE A 409 13.88 17.20 0.06
C ILE A 409 15.13 18.09 0.15
N ALA A 410 15.25 18.76 1.31
CA ALA A 410 16.36 19.67 1.60
C ALA A 410 16.86 19.44 3.00
N VAL A 411 18.18 19.30 3.13
CA VAL A 411 18.81 18.97 4.39
C VAL A 411 19.87 20.00 4.79
N ASP A 412 19.81 20.40 6.07
CA ASP A 412 20.84 21.23 6.68
C ASP A 412 21.56 20.43 7.76
N ASN A 413 22.79 19.98 7.47
CA ASN A 413 23.57 19.17 8.41
C ASN A 413 24.49 19.97 9.34
N ALA A 414 24.37 21.29 9.30
CA ALA A 414 25.14 22.17 10.19
C ALA A 414 24.22 23.21 10.83
N ALA A 415 23.07 22.74 11.31
CA ALA A 415 22.06 23.62 11.88
C ALA A 415 22.37 23.92 13.33
N GLY A 416 22.01 25.12 13.78
CA GLY A 416 22.21 25.54 15.16
C GLY A 416 23.43 26.42 15.38
N PRO A 417 23.53 27.03 16.57
CA PRO A 417 24.71 27.83 16.94
C PRO A 417 26.02 27.04 16.88
N TYR A 418 25.96 25.75 17.21
CA TYR A 418 27.16 24.91 17.13
C TYR A 418 27.22 24.09 15.86
N GLN A 419 26.40 24.46 14.87
CA GLN A 419 26.42 23.84 13.54
C GLN A 419 26.65 22.32 13.60
N ASN A 420 25.84 21.64 14.42
CA ASN A 420 26.00 20.19 14.68
C ASN A 420 24.67 19.42 14.75
N HIS A 421 23.61 20.04 14.28
CA HIS A 421 22.31 19.40 14.22
C HIS A 421 21.94 19.12 12.77
N THR A 422 21.11 18.11 12.56
CA THR A 422 20.66 17.76 11.22
C THR A 422 19.16 18.00 11.10
N VAL A 423 18.81 18.99 10.28
CA VAL A 423 17.43 19.35 10.03
C VAL A 423 17.04 19.04 8.59
N VAL A 424 15.90 18.35 8.45
CA VAL A 424 15.41 17.91 7.16
C VAL A 424 14.12 18.62 6.80
N PHE A 425 14.07 19.14 5.58
CA PHE A 425 12.87 19.82 5.06
C PHE A 425 12.28 18.99 3.96
N LEU A 426 11.00 18.68 4.10
CA LEU A 426 10.27 17.88 3.14
C LEU A 426 9.18 18.72 2.47
N GLY A 427 9.13 18.64 1.15
CA GLY A 427 8.01 19.21 0.40
C GLY A 427 6.98 18.17 0.02
N SER A 428 5.88 18.63 -0.58
CA SER A 428 4.79 17.72 -0.94
C SER A 428 4.03 18.20 -2.18
N GLU A 429 3.02 17.43 -2.57
CA GLU A 429 2.20 17.76 -3.74
C GLU A 429 1.21 18.88 -3.42
N LYS A 430 1.01 19.15 -2.13
CA LYS A 430 -0.06 20.03 -1.69
C LYS A 430 0.39 21.33 -0.99
N GLY A 431 1.62 21.74 -1.27
CA GLY A 431 2.17 22.98 -0.72
C GLY A 431 2.57 22.95 0.73
N ILE A 432 2.66 21.75 1.29
CA ILE A 432 3.00 21.59 2.69
C ILE A 432 4.47 21.22 2.83
N ILE A 433 5.15 21.91 3.73
CA ILE A 433 6.53 21.57 4.07
C ILE A 433 6.60 21.05 5.49
N LEU A 434 7.29 19.94 5.65
CA LEU A 434 7.52 19.35 6.95
C LEU A 434 8.97 19.50 7.35
N LYS A 435 9.20 19.58 8.65
CA LYS A 435 10.51 19.84 9.20
C LYS A 435 10.78 18.91 10.35
N PHE A 436 11.78 18.06 10.21
CA PHE A 436 12.18 17.19 11.29
C PHE A 436 13.69 17.17 11.58
N LEU A 437 14.01 16.78 12.81
CA LEU A 437 15.38 16.64 13.26
C LEU A 437 15.81 15.18 13.18
N ALA A 438 16.91 14.90 12.48
CA ALA A 438 17.46 13.55 12.39
C ALA A 438 18.39 13.31 13.56
N ARG A 439 18.53 12.05 13.98
CA ARG A 439 19.19 11.73 15.24
C ARG A 439 20.14 10.53 15.16
N GLY A 448 12.93 8.02 17.57
CA GLY A 448 13.73 8.28 16.36
C GLY A 448 13.75 9.76 16.04
N SER A 449 13.19 10.12 14.88
CA SER A 449 13.23 11.50 14.39
C SER A 449 12.16 12.38 15.00
N LEU A 450 12.44 13.68 15.06
CA LEU A 450 11.63 14.58 15.85
C LEU A 450 10.88 15.57 14.97
N PHE A 451 9.56 15.42 14.96
CA PHE A 451 8.70 16.16 14.08
C PHE A 451 8.52 17.58 14.63
N LEU A 452 9.32 18.49 14.11
CA LEU A 452 9.34 19.86 14.60
C LEU A 452 8.19 20.72 14.09
N GLU A 453 8.05 20.79 12.76
CA GLU A 453 7.15 21.76 12.12
C GLU A 453 6.36 21.22 10.94
N GLU A 454 5.12 21.69 10.83
CA GLU A 454 4.34 21.51 9.62
C GLU A 454 3.84 22.87 9.18
N MET A 455 4.21 23.29 7.96
CA MET A 455 3.76 24.58 7.48
C MET A 455 3.21 24.54 6.07
N ASN A 456 2.07 25.20 5.89
CA ASN A 456 1.51 25.41 4.57
C ASN A 456 2.08 26.71 4.02
N VAL A 457 2.95 26.61 3.04
CA VAL A 457 3.64 27.80 2.52
C VAL A 457 3.08 28.36 1.21
N TYR A 458 2.17 27.63 0.57
CA TYR A 458 1.46 28.10 -0.63
C TYR A 458 0.65 29.37 -0.36
N ASN A 459 0.89 30.38 -1.19
CA ASN A 459 0.18 31.66 -1.11
C ASN A 459 -0.81 31.79 -2.27
N PRO A 460 -2.11 31.53 -2.01
CA PRO A 460 -3.12 31.52 -3.07
C PRO A 460 -3.16 32.83 -3.84
N GLU A 461 -3.15 33.96 -3.13
CA GLU A 461 -3.25 35.28 -3.74
C GLU A 461 -2.06 35.69 -4.62
N LYS A 462 -0.91 35.05 -4.44
CA LYS A 462 0.26 35.36 -5.27
C LYS A 462 0.69 34.21 -6.18
N CYS A 463 0.11 33.03 -5.98
CA CYS A 463 0.55 31.85 -6.71
C CYS A 463 -0.50 31.25 -7.64
N SER A 464 -1.78 31.47 -7.33
CA SER A 464 -2.84 31.16 -8.28
C SER A 464 -2.72 32.13 -9.45
N TYR A 465 -2.65 31.63 -10.67
CA TYR A 465 -2.47 32.53 -11.82
C TYR A 465 -3.71 32.85 -12.63
N ASP A 466 -4.58 31.87 -12.79
CA ASP A 466 -5.90 32.12 -13.35
C ASP A 466 -6.89 31.56 -12.34
N GLY A 467 -7.64 30.55 -12.73
CA GLY A 467 -8.39 29.78 -11.74
C GLY A 467 -7.44 28.92 -10.93
N VAL A 468 -6.42 28.40 -11.61
CA VAL A 468 -5.63 27.27 -11.12
C VAL A 468 -4.87 27.53 -9.83
N GLU A 469 -4.99 26.56 -8.92
CA GLU A 469 -4.11 26.42 -7.77
C GLU A 469 -3.29 25.16 -7.97
N ASP A 470 -2.08 25.32 -8.49
CA ASP A 470 -1.15 24.20 -8.58
C ASP A 470 -0.21 24.23 -7.37
N LYS A 471 -0.60 23.53 -6.31
CA LYS A 471 0.11 23.56 -5.03
C LYS A 471 1.29 22.57 -4.95
N ARG A 472 1.76 22.09 -6.10
CA ARG A 472 2.91 21.19 -6.12
C ARG A 472 4.24 21.95 -6.02
N ILE A 473 5.11 21.46 -5.16
CA ILE A 473 6.46 22.00 -4.96
C ILE A 473 7.42 21.46 -6.03
N MET A 474 7.98 22.36 -6.83
CA MET A 474 8.83 22.02 -7.99
C MET A 474 10.28 21.83 -7.61
N GLY A 475 10.63 22.38 -6.45
CA GLY A 475 12.00 22.37 -6.00
C GLY A 475 12.16 23.23 -4.77
N MET A 476 13.14 22.86 -3.96
CA MET A 476 13.51 23.61 -2.79
C MET A 476 15.02 23.74 -2.79
N GLN A 477 15.48 24.93 -2.38
CA GLN A 477 16.90 25.20 -2.23
C GLN A 477 17.13 25.82 -0.86
N LEU A 478 17.90 25.13 -0.03
CA LEU A 478 18.23 25.66 1.29
C LEU A 478 19.47 26.56 1.22
N ASP A 479 19.35 27.76 1.78
CA ASP A 479 20.45 28.71 1.86
C ASP A 479 20.72 29.13 3.29
N ARG A 480 21.75 28.53 3.87
CA ARG A 480 22.12 28.73 5.28
C ARG A 480 22.50 30.17 5.58
N ALA A 481 23.35 30.76 4.74
CA ALA A 481 23.79 32.15 4.95
C ALA A 481 22.62 33.09 5.25
N SER A 482 21.55 33.03 4.45
CA SER A 482 20.42 33.94 4.65
C SER A 482 19.31 33.37 5.53
N GLY A 483 19.56 32.22 6.16
CA GLY A 483 18.54 31.56 6.98
C GLY A 483 17.21 31.32 6.26
N SER A 484 17.30 30.86 5.02
CA SER A 484 16.12 30.74 4.17
C SER A 484 16.07 29.43 3.42
N LEU A 485 14.84 28.92 3.25
CA LEU A 485 14.53 27.87 2.30
C LEU A 485 13.71 28.47 1.16
N TYR A 486 14.20 28.32 -0.05
CA TYR A 486 13.47 28.75 -1.22
C TYR A 486 12.61 27.61 -1.72
N VAL A 487 11.31 27.89 -1.86
CA VAL A 487 10.31 26.90 -2.25
C VAL A 487 9.67 27.31 -3.56
N ALA A 488 9.85 26.48 -4.60
CA ALA A 488 9.27 26.77 -5.91
C ALA A 488 8.00 25.98 -6.19
N PHE A 489 6.94 26.71 -6.48
CA PHE A 489 5.78 26.15 -7.15
C PHE A 489 5.93 26.52 -8.62
N SER A 490 5.00 26.09 -9.48
CA SER A 490 5.20 26.34 -10.91
C SER A 490 4.97 27.81 -11.33
N THR A 491 4.42 28.61 -10.42
CA THR A 491 4.01 29.98 -10.71
C THR A 491 4.63 31.03 -9.77
N CYS A 492 5.38 30.59 -8.78
CA CYS A 492 5.95 31.49 -7.77
C CYS A 492 7.07 30.80 -7.01
N VAL A 493 7.92 31.61 -6.39
CA VAL A 493 8.95 31.10 -5.49
C VAL A 493 8.82 31.82 -4.17
N ILE A 494 8.76 31.05 -3.10
CA ILE A 494 8.56 31.59 -1.76
C ILE A 494 9.84 31.53 -0.92
N LYS A 495 10.17 32.64 -0.28
CA LYS A 495 11.34 32.76 0.60
C LYS A 495 10.88 32.44 2.01
N VAL A 496 11.29 31.27 2.48
CA VAL A 496 10.80 30.71 3.73
C VAL A 496 11.92 30.67 4.77
N PRO A 497 11.71 31.38 5.91
CA PRO A 497 12.65 31.36 7.02
C PRO A 497 12.76 29.95 7.56
N LEU A 498 13.98 29.52 7.84
CA LEU A 498 14.24 28.17 8.39
C LEU A 498 13.47 27.88 9.67
N GLY A 499 13.31 28.89 10.54
CA GLY A 499 12.54 28.77 11.77
C GLY A 499 11.44 29.81 11.92
N ARG A 500 10.47 29.53 12.78
CA ARG A 500 9.47 30.54 13.18
C ARG A 500 9.68 30.91 14.64
N CYS A 501 10.93 31.25 14.96
CA CYS A 501 11.34 31.62 16.32
C CYS A 501 10.55 32.80 16.87
N GLU A 502 10.25 33.78 16.01
CA GLU A 502 9.50 34.98 16.38
C GLU A 502 8.14 34.68 17.00
N ARG A 503 7.49 33.62 16.53
CA ARG A 503 6.17 33.20 17.05
C ARG A 503 6.05 33.31 18.55
N HIS A 504 7.00 32.68 19.25
CA HIS A 504 6.99 32.58 20.71
C HIS A 504 7.17 33.91 21.42
N GLY A 505 7.81 34.85 20.74
CA GLY A 505 8.06 36.19 21.27
C GLY A 505 8.74 36.16 22.62
N LYS A 506 7.97 36.51 23.66
CA LYS A 506 8.47 36.64 25.04
C LYS A 506 8.14 35.43 25.92
N CYS A 507 7.74 34.33 25.30
CA CYS A 507 7.39 33.08 26.00
C CYS A 507 8.52 32.06 25.96
N LYS A 508 9.24 31.96 27.08
CA LYS A 508 10.41 31.08 27.17
C LYS A 508 10.05 29.59 27.07
N LYS A 509 8.97 29.19 27.71
CA LYS A 509 8.55 27.78 27.73
C LYS A 509 8.36 27.21 26.32
N THR A 510 7.53 27.87 25.51
CA THR A 510 7.24 27.37 24.16
C THR A 510 8.48 27.45 23.28
N CYS A 511 9.27 28.50 23.49
CA CYS A 511 10.56 28.69 22.82
C CYS A 511 11.51 27.49 23.04
N ILE A 512 11.65 27.04 24.28
CA ILE A 512 12.50 25.88 24.59
C ILE A 512 11.87 24.58 24.11
N ALA A 513 10.56 24.46 24.28
CA ALA A 513 9.82 23.21 24.05
C ALA A 513 9.71 22.89 22.58
N SER A 514 9.88 23.93 21.75
CA SER A 514 9.88 23.76 20.31
C SER A 514 11.06 22.91 19.87
N ARG A 515 12.11 22.89 20.68
CA ARG A 515 13.31 22.06 20.44
C ARG A 515 13.87 22.22 19.01
N ASP A 516 13.75 23.45 18.50
CA ASP A 516 14.19 23.81 17.17
C ASP A 516 15.62 24.37 17.19
N PRO A 517 16.56 23.66 16.53
CA PRO A 517 17.97 24.06 16.51
C PRO A 517 18.19 25.49 16.03
N TYR A 518 17.24 26.06 15.30
CA TYR A 518 17.36 27.44 14.82
C TYR A 518 16.92 28.48 15.84
N CYS A 519 16.24 28.04 16.90
CA CYS A 519 15.61 28.95 17.85
C CYS A 519 16.16 28.84 19.27
N GLY A 520 16.25 29.98 19.95
CA GLY A 520 16.77 30.04 21.30
C GLY A 520 16.19 31.17 22.11
N TRP A 521 16.40 31.10 23.42
CA TRP A 521 16.05 32.18 24.32
C TRP A 521 17.24 33.11 24.46
N VAL A 522 17.04 34.37 24.08
CA VAL A 522 18.11 35.36 24.19
C VAL A 522 17.86 36.22 25.42
N ARG A 523 18.56 35.90 26.51
CA ARG A 523 18.40 36.60 27.81
C ARG A 523 18.32 38.12 27.71
N GLU A 524 19.20 38.71 26.90
CA GLU A 524 19.36 40.17 26.80
C GLU A 524 18.18 40.89 26.13
N SER A 525 17.56 40.26 25.14
CA SER A 525 16.37 40.83 24.50
C SER A 525 15.11 40.35 25.20
N GLY A 526 15.29 39.37 26.08
CA GLY A 526 14.20 38.80 26.89
C GLY A 526 13.17 38.10 26.04
N SER A 527 13.64 37.43 24.98
CA SER A 527 12.77 36.88 23.95
C SER A 527 13.40 35.72 23.18
N CYS A 528 12.55 34.97 22.48
CA CYS A 528 12.97 33.93 21.55
C CYS A 528 13.40 34.57 20.24
N ALA A 529 14.45 34.03 19.63
CA ALA A 529 14.97 34.57 18.37
C ALA A 529 15.67 33.49 17.54
N HIS A 530 15.91 33.76 16.26
CA HIS A 530 16.73 32.88 15.44
C HIS A 530 18.22 33.00 15.82
N LEU A 531 18.83 31.87 16.13
CA LEU A 531 20.17 31.88 16.76
C LEU A 531 21.31 32.18 15.80
N SER A 532 21.81 33.39 15.95
CA SER A 532 22.72 34.07 15.02
C SER A 532 24.09 33.41 14.83
N PRO A 533 24.76 33.72 13.69
CA PRO A 533 26.22 33.53 13.59
C PRO A 533 26.92 34.60 14.44
N LEU A 534 26.33 35.81 14.43
CA LEU A 534 26.68 36.91 15.35
C LEU A 534 26.21 36.54 16.76
N SER A 535 26.72 35.43 17.28
CA SER A 535 26.29 34.90 18.58
C SER A 535 26.97 35.67 19.71
N ARG A 536 26.79 37.00 19.69
CA ARG A 536 27.39 37.86 20.69
C ARG A 536 26.56 37.90 21.97
N LEU A 537 25.52 37.07 22.02
CA LEU A 537 24.58 37.05 23.13
C LEU A 537 24.37 35.64 23.68
N THR A 538 23.83 35.54 24.90
CA THR A 538 23.50 34.26 25.53
C THR A 538 22.28 33.66 24.83
N PHE A 539 22.36 32.37 24.50
CA PHE A 539 21.38 31.73 23.63
C PHE A 539 20.88 30.36 24.13
N GLU A 540 20.12 30.38 25.22
CA GLU A 540 19.58 29.16 25.83
C GLU A 540 18.64 28.39 24.90
N GLN A 541 18.89 27.08 24.79
CA GLN A 541 18.01 26.16 24.10
C GLN A 541 18.25 24.76 24.65
N ASP A 542 17.23 23.92 24.60
CA ASP A 542 17.40 22.50 24.90
C ASP A 542 16.83 21.65 23.77
N ILE A 543 17.71 21.28 22.86
CA ILE A 543 17.33 20.44 21.73
C ILE A 543 17.28 19.00 22.19
N GLU A 544 18.39 18.54 22.78
CA GLU A 544 18.59 17.13 23.12
C GLU A 544 17.50 16.52 24.00
N ARG A 545 17.08 17.24 25.04
CA ARG A 545 16.10 16.71 25.98
C ARG A 545 14.72 17.38 25.86
N GLY A 546 14.73 18.70 25.66
CA GLY A 546 13.49 19.48 25.60
C GLY A 546 12.94 19.78 26.98
N ASN A 547 13.79 19.60 27.99
CA ASN A 547 13.44 19.77 29.39
C ASN A 547 12.96 21.17 29.75
N THR A 548 11.67 21.28 30.07
CA THR A 548 11.05 22.57 30.41
C THR A 548 10.75 22.72 31.91
N ASP A 549 11.33 21.83 32.73
CA ASP A 549 11.14 21.84 34.19
C ASP A 549 11.48 23.17 34.85
N GLY A 550 10.45 23.85 35.36
CA GLY A 550 10.63 25.11 36.08
C GLY A 550 10.11 26.34 35.36
N LEU A 551 9.53 26.14 34.18
CA LEU A 551 8.93 27.24 33.43
C LEU A 551 7.41 27.07 33.38
N GLY A 552 6.70 28.19 33.53
CA GLY A 552 5.24 28.21 33.44
C GLY A 552 4.78 28.74 32.09
N ASP A 553 3.60 28.31 31.65
CA ASP A 553 3.12 28.69 30.31
C ASP A 553 2.62 30.14 30.29
N CYS A 554 2.40 30.66 29.09
CA CYS A 554 2.26 32.11 28.87
C CYS A 554 0.84 32.56 28.56
N GLY B 5 -4.54 8.23 -10.01
CA GLY B 5 -5.29 8.96 -8.95
C GLY B 5 -6.27 8.08 -8.20
N PHE B 6 -5.72 7.26 -7.27
CA PHE B 6 -6.50 6.32 -6.44
C PHE B 6 -7.72 6.97 -5.78
N PRO B 7 -8.93 6.36 -5.97
CA PRO B 7 -10.21 6.90 -5.48
C PRO B 7 -10.15 7.47 -4.07
N GLU B 8 -10.61 8.71 -3.91
CA GLU B 8 -10.60 9.37 -2.62
C GLU B 8 -11.86 9.05 -1.81
N ASP B 9 -11.66 8.65 -0.55
CA ASP B 9 -12.74 8.36 0.38
C ASP B 9 -13.72 9.52 0.48
N SER B 10 -14.98 9.25 0.14
CA SER B 10 -16.04 10.22 0.38
C SER B 10 -16.42 10.15 1.86
N GLU B 11 -17.04 11.21 2.36
CA GLU B 11 -17.50 11.22 3.74
C GLU B 11 -18.96 10.82 3.83
N PRO B 12 -19.39 10.24 4.97
CA PRO B 12 -20.79 9.90 5.16
C PRO B 12 -21.72 11.10 5.03
N ILE B 13 -22.96 10.85 4.63
CA ILE B 13 -23.97 11.89 4.51
C ILE B 13 -24.85 11.87 5.78
N SER B 14 -24.30 11.25 6.82
CA SER B 14 -24.84 11.23 8.18
C SER B 14 -23.85 10.52 9.07
N ILE B 15 -23.43 11.19 10.14
CA ILE B 15 -22.63 10.57 11.17
C ILE B 15 -23.46 10.53 12.43
N SER B 16 -23.34 9.43 13.18
CA SER B 16 -23.98 9.31 14.49
C SER B 16 -22.91 8.94 15.52
N HIS B 17 -23.16 9.31 16.77
CA HIS B 17 -22.19 9.15 17.83
C HIS B 17 -22.79 8.46 19.05
N GLY B 18 -21.91 8.00 19.94
CA GLY B 18 -22.32 7.40 21.22
C GLY B 18 -23.28 8.32 21.96
N ASN B 19 -23.25 9.59 21.57
CA ASN B 19 -24.25 10.58 21.95
C ASN B 19 -25.66 10.09 21.60
N TYR B 20 -25.91 9.91 20.29
CA TYR B 20 -27.22 9.45 19.80
C TYR B 20 -27.51 7.98 20.09
N THR B 21 -26.60 7.09 19.67
CA THR B 21 -26.77 5.62 19.74
C THR B 21 -26.89 5.04 21.16
N LYS B 22 -26.41 5.81 22.14
CA LYS B 22 -26.49 5.48 23.57
C LYS B 22 -27.80 4.85 24.05
N GLN B 23 -28.95 5.31 23.52
CA GLN B 23 -30.24 4.89 24.07
C GLN B 23 -30.87 3.66 23.41
N TYR B 24 -30.20 3.12 22.39
CA TYR B 24 -30.62 1.87 21.75
C TYR B 24 -30.61 0.70 22.73
N PRO B 25 -31.64 -0.18 22.69
CA PRO B 25 -31.79 -1.26 23.67
C PRO B 25 -30.64 -2.25 23.62
N VAL B 26 -30.28 -2.81 24.77
CA VAL B 26 -29.15 -3.71 24.89
C VAL B 26 -29.53 -4.98 25.63
N PHE B 27 -29.01 -6.13 25.18
CA PHE B 27 -29.17 -7.40 25.91
C PHE B 27 -27.91 -7.75 26.69
N VAL B 28 -28.06 -8.13 27.96
CA VAL B 28 -26.91 -8.45 28.84
C VAL B 28 -26.99 -9.78 29.61
N GLY B 29 -28.14 -10.46 29.54
CA GLY B 29 -28.32 -11.75 30.21
C GLY B 29 -29.11 -11.66 31.50
N ARG B 41 -19.65 -11.59 32.87
CA ARG B 41 -19.37 -11.43 31.44
C ARG B 41 -19.97 -12.58 30.65
N LEU B 42 -20.52 -12.26 29.47
CA LEU B 42 -21.25 -13.26 28.70
C LEU B 42 -20.37 -14.09 27.77
N ASP B 43 -19.35 -13.45 27.19
CA ASP B 43 -18.49 -14.07 26.19
C ASP B 43 -19.28 -14.54 24.96
N ILE B 44 -19.87 -13.59 24.24
CA ILE B 44 -20.66 -13.91 23.07
C ILE B 44 -19.77 -14.44 21.95
N GLN B 45 -20.14 -15.57 21.38
CA GLN B 45 -19.39 -16.16 20.30
C GLN B 45 -20.02 -15.85 18.95
N MET B 46 -21.35 -15.87 18.90
CA MET B 46 -22.09 -15.53 17.69
C MET B 46 -23.58 -15.38 17.95
N ILE B 47 -24.27 -14.78 16.99
CA ILE B 47 -25.71 -14.63 17.04
C ILE B 47 -26.31 -15.03 15.70
N MET B 48 -27.52 -15.55 15.75
CA MET B 48 -28.30 -15.76 14.53
C MET B 48 -29.79 -15.77 14.77
N ILE B 49 -30.51 -15.21 13.81
CA ILE B 49 -31.96 -15.17 13.85
C ILE B 49 -32.50 -16.42 13.17
N MET B 50 -33.52 -17.01 13.78
CA MET B 50 -34.30 -18.06 13.14
C MET B 50 -35.76 -17.81 13.44
N ASN B 51 -36.57 -17.72 12.39
CA ASN B 51 -37.99 -17.34 12.52
C ASN B 51 -38.10 -15.99 13.25
N ARG B 52 -38.66 -15.98 14.45
CA ARG B 52 -38.84 -14.73 15.21
C ARG B 52 -38.04 -14.68 16.51
N THR B 53 -36.98 -15.50 16.59
CA THR B 53 -36.13 -15.51 17.78
C THR B 53 -34.64 -15.31 17.44
N LEU B 54 -34.02 -14.35 18.13
CA LEU B 54 -32.57 -14.15 18.06
C LEU B 54 -31.88 -15.14 18.98
N TYR B 55 -30.91 -15.87 18.45
CA TYR B 55 -30.10 -16.79 19.24
C TYR B 55 -28.74 -16.19 19.57
N VAL B 56 -28.40 -16.20 20.85
CA VAL B 56 -27.10 -15.73 21.33
C VAL B 56 -26.25 -16.89 21.84
N ALA B 57 -25.29 -17.32 21.04
CA ALA B 57 -24.33 -18.36 21.42
C ALA B 57 -23.18 -17.77 22.24
N ALA B 58 -23.02 -18.24 23.47
CA ALA B 58 -21.98 -17.74 24.37
C ALA B 58 -21.34 -18.83 25.22
N ARG B 59 -20.71 -18.43 26.31
CA ARG B 59 -20.15 -19.36 27.27
C ARG B 59 -21.26 -20.00 28.10
N ASP B 60 -21.25 -21.34 28.15
CA ASP B 60 -22.17 -22.13 28.99
C ASP B 60 -23.63 -22.15 28.53
N HIS B 61 -24.02 -21.17 27.71
CA HIS B 61 -25.41 -20.95 27.36
C HIS B 61 -25.66 -20.59 25.91
N ILE B 62 -26.92 -20.73 25.51
CA ILE B 62 -27.46 -20.06 24.34
C ILE B 62 -28.74 -19.38 24.80
N TYR B 63 -28.78 -18.06 24.77
CA TYR B 63 -29.97 -17.30 25.13
C TYR B 63 -30.83 -17.03 23.89
N THR B 64 -32.12 -16.80 24.11
CA THR B 64 -33.06 -16.46 23.04
C THR B 64 -33.74 -15.13 23.35
N VAL B 65 -34.04 -14.38 22.29
CA VAL B 65 -34.73 -13.10 22.42
C VAL B 65 -35.87 -13.04 21.41
N ASP B 66 -37.11 -12.89 21.90
CA ASP B 66 -38.27 -12.64 21.03
C ASP B 66 -38.07 -11.28 20.37
N ILE B 67 -37.89 -11.30 19.06
CA ILE B 67 -37.60 -10.07 18.32
C ILE B 67 -38.84 -9.14 18.22
N ASP B 68 -39.97 -9.57 18.77
CA ASP B 68 -41.22 -8.84 18.60
C ASP B 68 -41.77 -8.24 19.90
N GLU B 74 -34.33 -1.81 27.70
CA GLU B 74 -33.51 -3.02 27.78
C GLU B 74 -34.15 -4.25 27.11
N ILE B 75 -33.29 -5.18 26.67
CA ILE B 75 -33.73 -6.43 26.04
C ILE B 75 -33.63 -7.60 27.02
N TYR B 76 -34.67 -8.45 27.05
CA TYR B 76 -34.76 -9.52 28.03
C TYR B 76 -34.56 -10.92 27.49
N CYS B 77 -33.90 -11.76 28.28
CA CYS B 77 -33.71 -13.17 27.97
C CYS B 77 -35.02 -13.95 28.18
N SER B 78 -35.68 -14.29 27.08
CA SER B 78 -36.98 -14.97 27.13
C SER B 78 -36.88 -16.46 27.46
N LYS B 79 -35.82 -17.11 26.96
CA LYS B 79 -35.45 -18.48 27.32
C LYS B 79 -33.94 -18.63 27.21
N LYS B 80 -33.37 -19.57 27.97
CA LYS B 80 -31.96 -19.89 27.79
C LYS B 80 -31.66 -21.38 27.87
N LEU B 81 -30.70 -21.79 27.05
CA LEU B 81 -30.14 -23.11 27.08
C LEU B 81 -28.94 -23.08 28.03
N THR B 82 -28.57 -24.22 28.58
CA THR B 82 -27.46 -24.30 29.53
C THR B 82 -26.64 -25.55 29.28
N TRP B 83 -25.32 -25.38 29.11
CA TRP B 83 -24.43 -26.51 28.88
C TRP B 83 -23.01 -26.23 29.39
N LYS B 84 -22.81 -26.52 30.67
CA LYS B 84 -21.54 -26.31 31.35
C LYS B 84 -20.68 -27.56 31.23
N SER B 85 -19.39 -27.36 30.96
CA SER B 85 -18.41 -28.45 30.93
C SER B 85 -18.37 -29.18 32.28
N ARG B 86 -18.19 -30.51 32.22
CA ARG B 86 -17.99 -31.29 33.45
C ARG B 86 -16.64 -30.94 34.08
N GLN B 87 -16.59 -30.93 35.41
CA GLN B 87 -15.37 -30.56 36.14
C GLN B 87 -14.09 -31.30 35.70
N ALA B 88 -14.24 -32.56 35.30
CA ALA B 88 -13.10 -33.34 34.86
C ALA B 88 -12.51 -32.81 33.56
N ASP B 89 -13.39 -32.29 32.68
CA ASP B 89 -12.94 -31.66 31.43
C ASP B 89 -12.16 -30.37 31.70
N VAL B 90 -12.67 -29.54 32.62
CA VAL B 90 -12.02 -28.30 33.05
C VAL B 90 -10.62 -28.55 33.61
N ASP B 91 -10.51 -29.55 34.50
CA ASP B 91 -9.23 -29.96 35.07
C ASP B 91 -8.25 -30.46 34.01
N THR B 92 -8.74 -31.32 33.13
CA THR B 92 -7.99 -31.82 31.99
C THR B 92 -7.43 -30.66 31.17
N CYS B 93 -8.29 -29.66 30.93
CA CYS B 93 -7.95 -28.48 30.15
C CYS B 93 -6.87 -27.66 30.86
N ARG B 94 -7.15 -27.31 32.13
CA ARG B 94 -6.16 -26.67 33.01
C ARG B 94 -4.81 -27.40 33.02
N MET B 95 -4.83 -28.73 33.09
CA MET B 95 -3.60 -29.51 33.20
C MET B 95 -2.78 -29.54 31.92
N LYS B 96 -3.32 -28.94 30.86
CA LYS B 96 -2.59 -28.81 29.61
C LYS B 96 -2.09 -27.37 29.43
N GLY B 97 -2.16 -26.60 30.50
CA GLY B 97 -1.54 -25.27 30.55
C GLY B 97 -2.42 -24.18 30.00
N LYS B 98 -3.71 -24.48 29.90
CA LYS B 98 -4.67 -23.52 29.43
C LYS B 98 -5.15 -22.70 30.62
N HIS B 99 -5.44 -21.43 30.37
CA HIS B 99 -5.81 -20.50 31.41
C HIS B 99 -7.28 -20.70 31.79
N LYS B 100 -7.62 -20.42 33.04
CA LYS B 100 -8.94 -20.73 33.57
C LYS B 100 -10.04 -20.12 32.72
N ASP B 101 -9.77 -18.93 32.17
CA ASP B 101 -10.77 -18.15 31.43
C ASP B 101 -11.21 -18.77 30.11
N GLU B 102 -10.38 -19.65 29.57
CA GLU B 102 -10.68 -20.32 28.31
C GLU B 102 -11.07 -21.78 28.48
N CYS B 103 -10.95 -22.31 29.70
CA CYS B 103 -11.38 -23.69 29.96
C CYS B 103 -12.84 -23.69 30.40
N HIS B 104 -13.71 -23.30 29.47
CA HIS B 104 -15.14 -23.44 29.64
C HIS B 104 -15.75 -23.94 28.35
N ASN B 105 -17.04 -24.18 28.39
CA ASN B 105 -17.81 -24.49 27.20
C ASN B 105 -18.20 -23.22 26.47
N PHE B 106 -17.58 -23.00 25.30
CA PHE B 106 -18.00 -21.92 24.41
C PHE B 106 -18.70 -22.49 23.18
N ILE B 107 -19.96 -22.12 22.98
CA ILE B 107 -20.74 -22.59 21.83
C ILE B 107 -20.23 -21.94 20.55
N LYS B 108 -19.80 -22.74 19.60
CA LYS B 108 -19.15 -22.25 18.39
C LYS B 108 -19.79 -22.74 17.09
N VAL B 109 -20.72 -23.69 17.23
CA VAL B 109 -21.57 -24.17 16.14
C VAL B 109 -23.03 -24.16 16.61
N LEU B 110 -23.89 -23.54 15.80
CA LEU B 110 -25.31 -23.45 16.07
C LEU B 110 -26.10 -23.40 14.75
N LEU B 111 -26.76 -24.51 14.43
CA LEU B 111 -27.47 -24.69 13.17
C LEU B 111 -28.83 -25.37 13.38
N LYS B 112 -29.77 -25.16 12.45
CA LYS B 112 -30.99 -25.96 12.39
C LYS B 112 -30.73 -27.19 11.56
N LYS B 113 -30.82 -28.37 12.18
CA LYS B 113 -30.67 -29.64 11.48
C LYS B 113 -31.94 -29.88 10.68
N ASN B 114 -33.04 -29.37 11.22
CA ASN B 114 -34.37 -29.35 10.61
C ASN B 114 -35.23 -28.55 11.57
N ASP B 115 -36.55 -28.51 11.34
CA ASP B 115 -37.47 -27.62 12.05
C ASP B 115 -37.55 -27.87 13.56
N ASP B 116 -37.19 -29.09 13.96
CA ASP B 116 -37.30 -29.51 15.34
C ASP B 116 -35.96 -29.58 16.04
N THR B 117 -34.90 -29.60 15.26
CA THR B 117 -33.57 -29.87 15.79
C THR B 117 -32.58 -28.72 15.61
N LEU B 118 -32.10 -28.20 16.74
CA LEU B 118 -30.93 -27.33 16.77
C LEU B 118 -29.68 -28.19 16.94
N PHE B 119 -28.66 -27.93 16.14
CA PHE B 119 -27.39 -28.64 16.24
C PHE B 119 -26.32 -27.75 16.88
N VAL B 120 -25.80 -28.18 18.03
CA VAL B 120 -25.00 -27.33 18.91
C VAL B 120 -23.65 -27.96 19.28
N CYS B 121 -22.56 -27.30 18.91
CA CYS B 121 -21.23 -27.73 19.35
C CYS B 121 -20.53 -26.68 20.19
N GLY B 122 -19.86 -27.16 21.23
CA GLY B 122 -19.08 -26.31 22.11
C GLY B 122 -17.63 -26.72 22.16
N THR B 123 -16.75 -25.73 22.40
CA THR B 123 -15.33 -25.98 22.65
C THR B 123 -15.13 -26.91 23.86
N ASN B 124 -16.06 -26.82 24.83
CA ASN B 124 -16.08 -27.71 26.00
C ASN B 124 -14.70 -27.90 26.65
N ALA B 125 -14.12 -26.79 27.12
CA ALA B 125 -12.77 -26.77 27.68
C ALA B 125 -11.79 -27.60 26.84
N PHE B 126 -11.52 -27.12 25.63
CA PHE B 126 -10.59 -27.79 24.72
C PHE B 126 -10.87 -29.28 24.57
N ASN B 127 -12.16 -29.62 24.53
CA ASN B 127 -12.62 -30.99 24.31
C ASN B 127 -13.92 -30.95 23.49
N PRO B 128 -13.82 -30.58 22.20
CA PRO B 128 -14.97 -30.34 21.34
C PRO B 128 -15.98 -31.51 21.33
N SER B 129 -17.25 -31.16 21.48
CA SER B 129 -18.33 -32.11 21.35
C SER B 129 -19.57 -31.43 20.82
N CYS B 130 -20.44 -32.23 20.19
CA CYS B 130 -21.65 -31.74 19.57
C CYS B 130 -22.87 -32.43 20.19
N ARG B 131 -23.99 -31.72 20.22
CA ARG B 131 -25.26 -32.28 20.73
C ARG B 131 -26.45 -31.78 19.93
N ASN B 132 -27.51 -32.59 19.93
CA ASN B 132 -28.79 -32.19 19.36
C ASN B 132 -29.68 -31.64 20.47
N TYR B 133 -30.35 -30.53 20.19
CA TYR B 133 -31.35 -29.96 21.10
C TYR B 133 -32.66 -29.80 20.35
N ARG B 134 -33.73 -29.52 21.10
CA ARG B 134 -35.06 -29.33 20.54
C ARG B 134 -35.40 -27.86 20.44
N VAL B 135 -35.78 -27.43 19.23
CA VAL B 135 -36.10 -26.04 18.92
C VAL B 135 -37.08 -25.39 19.92
N ASP B 136 -38.18 -26.08 20.20
CA ASP B 136 -39.25 -25.54 21.04
C ASP B 136 -38.89 -25.31 22.52
N THR B 137 -38.24 -26.30 23.14
CA THR B 137 -38.01 -26.29 24.58
C THR B 137 -36.56 -26.05 25.01
N LEU B 138 -35.61 -26.28 24.10
CA LEU B 138 -34.18 -26.20 24.40
C LEU B 138 -33.70 -27.36 25.28
N GLU B 139 -34.52 -28.40 25.38
CA GLU B 139 -34.16 -29.63 26.09
C GLU B 139 -33.19 -30.47 25.25
N THR B 140 -32.41 -31.29 25.94
CA THR B 140 -31.42 -32.17 25.31
C THR B 140 -32.13 -33.28 24.54
N PHE B 141 -31.55 -33.68 23.41
CA PHE B 141 -32.08 -34.79 22.64
C PHE B 141 -30.95 -35.67 22.13
N GLY B 142 -31.03 -36.96 22.45
CA GLY B 142 -29.95 -37.89 22.17
C GLY B 142 -28.78 -37.57 23.09
N ASP B 143 -27.68 -38.30 22.93
CA ASP B 143 -26.49 -38.07 23.72
C ASP B 143 -25.39 -37.35 22.94
N GLU B 144 -24.43 -36.78 23.66
CA GLU B 144 -23.34 -36.03 23.05
C GLU B 144 -22.33 -36.91 22.31
N PHE B 145 -21.61 -36.32 21.37
CA PHE B 145 -20.62 -37.04 20.56
C PHE B 145 -19.47 -36.13 20.15
N SER B 146 -18.40 -36.74 19.67
CA SER B 146 -17.15 -36.05 19.37
C SER B 146 -17.40 -34.88 18.43
N GLY B 147 -16.84 -33.73 18.79
CA GLY B 147 -16.93 -32.52 17.99
C GLY B 147 -15.65 -32.30 17.21
N MET B 148 -14.77 -33.31 17.26
CA MET B 148 -13.48 -33.25 16.55
C MET B 148 -13.70 -33.00 15.06
N ALA B 149 -13.09 -31.94 14.56
CA ALA B 149 -13.17 -31.53 13.17
C ALA B 149 -14.50 -30.87 12.81
N ARG B 150 -15.40 -30.78 13.78
CA ARG B 150 -16.68 -30.11 13.59
C ARG B 150 -16.73 -28.81 14.36
N CYS B 151 -15.87 -28.70 15.38
CA CYS B 151 -15.88 -27.57 16.30
C CYS B 151 -14.49 -27.34 16.85
N PRO B 152 -14.06 -26.07 16.95
CA PRO B 152 -12.74 -25.75 17.48
C PRO B 152 -12.59 -26.02 18.99
N TYR B 153 -11.35 -26.21 19.41
CA TYR B 153 -10.99 -26.38 20.80
C TYR B 153 -10.91 -25.03 21.49
N ASP B 154 -10.58 -24.01 20.69
CA ASP B 154 -10.26 -22.67 21.16
C ASP B 154 -11.31 -21.68 20.68
N ALA B 155 -12.00 -21.04 21.62
CA ALA B 155 -13.01 -20.04 21.29
C ALA B 155 -12.46 -18.88 20.45
N LYS B 156 -11.16 -18.62 20.57
CA LYS B 156 -10.53 -17.54 19.80
C LYS B 156 -10.40 -17.85 18.32
N HIS B 157 -10.65 -19.09 17.94
CA HIS B 157 -10.44 -19.50 16.56
C HIS B 157 -11.68 -19.27 15.69
N ALA B 158 -11.45 -18.98 14.42
CA ALA B 158 -12.54 -18.81 13.46
C ALA B 158 -12.94 -20.17 12.91
N ASN B 159 -14.24 -20.43 12.85
CA ASN B 159 -14.71 -21.71 12.32
C ASN B 159 -15.87 -21.61 11.32
N ILE B 160 -16.02 -22.65 10.52
CA ILE B 160 -17.16 -22.76 9.62
C ILE B 160 -17.92 -24.04 9.96
N ALA B 161 -19.25 -23.94 10.00
CA ALA B 161 -20.12 -25.12 10.01
C ALA B 161 -21.46 -24.88 9.29
N LEU B 162 -21.84 -25.82 8.44
CA LEU B 162 -23.07 -25.71 7.63
C LEU B 162 -23.64 -27.08 7.19
N PHE B 163 -24.96 -27.26 7.35
CA PHE B 163 -25.69 -28.43 6.79
C PHE B 163 -26.14 -28.22 5.35
N ALA B 164 -25.94 -29.25 4.53
CA ALA B 164 -26.52 -29.29 3.19
C ALA B 164 -26.83 -30.74 2.82
N ASP B 165 -28.09 -30.99 2.44
CA ASP B 165 -28.64 -32.34 2.25
C ASP B 165 -28.37 -33.26 3.46
N GLY B 166 -28.47 -32.69 4.66
CA GLY B 166 -28.21 -33.44 5.88
C GLY B 166 -26.73 -33.61 6.22
N LYS B 167 -25.86 -33.43 5.23
CA LYS B 167 -24.40 -33.56 5.43
C LYS B 167 -23.82 -32.32 6.13
N LEU B 168 -22.94 -32.52 7.11
CA LEU B 168 -22.35 -31.41 7.84
C LEU B 168 -21.01 -31.04 7.22
N TYR B 169 -20.91 -29.78 6.80
CA TYR B 169 -19.69 -29.24 6.27
C TYR B 169 -19.09 -28.35 7.36
N SER B 170 -17.83 -28.61 7.70
CA SER B 170 -17.15 -27.84 8.74
C SER B 170 -15.70 -27.53 8.36
N ALA B 171 -15.19 -26.45 8.94
CA ALA B 171 -13.78 -26.08 8.78
C ALA B 171 -13.26 -25.50 10.08
N THR B 172 -12.16 -26.08 10.56
CA THR B 172 -11.60 -25.80 11.88
C THR B 172 -10.28 -26.57 12.01
N VAL B 173 -9.83 -26.86 13.22
CA VAL B 173 -8.67 -27.77 13.39
C VAL B 173 -9.14 -29.08 14.00
N THR B 174 -8.46 -30.19 13.71
CA THR B 174 -8.81 -31.47 14.34
C THR B 174 -8.18 -31.64 15.74
N ASP B 175 -7.09 -30.93 15.98
CA ASP B 175 -6.17 -31.23 17.08
C ASP B 175 -6.01 -30.08 18.08
N PHE B 176 -5.68 -30.45 19.33
CA PHE B 176 -5.47 -29.51 20.43
C PHE B 176 -4.41 -28.43 20.15
N LEU B 177 -3.37 -28.77 19.40
CA LEU B 177 -2.29 -27.83 19.10
C LEU B 177 -2.56 -26.95 17.89
N ALA B 178 -3.76 -27.13 17.30
CA ALA B 178 -4.23 -26.33 16.18
C ALA B 178 -3.32 -26.33 14.93
N ILE B 179 -2.76 -27.49 14.59
CA ILE B 179 -1.82 -27.63 13.48
C ILE B 179 -2.50 -28.28 12.29
N ASP B 180 -3.56 -29.03 12.57
CA ASP B 180 -4.22 -29.83 11.54
C ASP B 180 -5.48 -29.09 11.16
N ALA B 181 -5.33 -28.07 10.32
CA ALA B 181 -6.47 -27.30 9.82
C ALA B 181 -7.18 -28.17 8.81
N VAL B 182 -8.50 -28.25 8.95
CA VAL B 182 -9.26 -29.17 8.11
C VAL B 182 -10.49 -28.55 7.46
N ILE B 183 -10.76 -28.97 6.22
CA ILE B 183 -12.09 -28.82 5.60
C ILE B 183 -12.68 -30.24 5.49
N TYR B 184 -13.84 -30.42 6.12
CA TYR B 184 -14.32 -31.73 6.53
C TYR B 184 -15.81 -31.87 6.18
N ARG B 185 -16.23 -33.08 5.85
CA ARG B 185 -17.66 -33.40 5.76
C ARG B 185 -17.90 -34.67 6.56
N SER B 186 -18.94 -34.65 7.39
CA SER B 186 -19.35 -35.83 8.14
C SER B 186 -20.87 -35.79 8.32
N LEU B 187 -21.42 -36.86 8.89
CA LEU B 187 -22.87 -37.03 9.07
C LEU B 187 -23.64 -37.12 7.74
N GLY B 188 -24.98 -37.19 7.83
CA GLY B 188 -25.86 -37.31 6.67
C GLY B 188 -25.70 -38.57 5.82
N ASP B 189 -25.33 -39.69 6.46
CA ASP B 189 -25.25 -41.00 5.80
C ASP B 189 -24.36 -41.07 4.56
N SER B 190 -23.36 -40.20 4.49
CA SER B 190 -22.37 -40.27 3.42
C SER B 190 -20.98 -40.43 4.04
N PRO B 191 -19.99 -40.87 3.24
CA PRO B 191 -18.64 -41.04 3.80
C PRO B 191 -18.14 -39.75 4.44
N THR B 192 -17.27 -39.86 5.45
CA THR B 192 -16.63 -38.66 5.96
C THR B 192 -15.41 -38.34 5.09
N LEU B 193 -15.30 -37.09 4.68
CA LEU B 193 -14.21 -36.66 3.80
C LEU B 193 -13.38 -35.53 4.43
N ARG B 194 -12.08 -35.52 4.15
CA ARG B 194 -11.21 -34.46 4.63
C ARG B 194 -10.17 -34.03 3.60
N THR B 195 -9.64 -32.84 3.78
CA THR B 195 -8.52 -32.35 3.01
C THR B 195 -7.26 -33.14 3.40
N VAL B 196 -6.31 -33.28 2.49
CA VAL B 196 -5.12 -34.07 2.80
C VAL B 196 -4.29 -33.48 3.95
N LYS B 197 -4.16 -34.26 5.03
CA LYS B 197 -3.38 -33.86 6.20
C LYS B 197 -1.95 -33.40 5.85
N HIS B 198 -1.63 -32.19 6.32
CA HIS B 198 -0.32 -31.55 6.17
C HIS B 198 0.15 -31.29 4.74
N ASP B 199 -0.79 -31.23 3.80
CA ASP B 199 -0.42 -30.98 2.41
C ASP B 199 -0.64 -29.51 2.11
N SER B 200 0.44 -28.73 2.17
CA SER B 200 0.34 -27.27 2.10
C SER B 200 -0.16 -26.75 0.73
N LYS B 201 -0.17 -27.60 -0.29
CA LYS B 201 -0.87 -27.28 -1.54
C LYS B 201 -2.40 -27.19 -1.32
N TRP B 202 -2.93 -28.04 -0.46
CA TRP B 202 -4.35 -27.99 -0.12
C TRP B 202 -4.65 -26.83 0.79
N LEU B 203 -3.91 -26.77 1.90
CA LEU B 203 -4.14 -25.77 2.93
C LEU B 203 -2.84 -25.33 3.57
N LYS B 204 -2.61 -24.02 3.59
CA LYS B 204 -1.45 -23.47 4.28
C LYS B 204 -1.83 -22.38 5.29
N GLU B 205 -1.97 -22.82 6.55
CA GLU B 205 -2.37 -21.95 7.65
C GLU B 205 -3.63 -21.15 7.31
N PRO B 206 -4.72 -21.85 6.97
CA PRO B 206 -5.93 -21.13 6.62
C PRO B 206 -6.51 -20.39 7.81
N TYR B 207 -7.36 -19.44 7.48
CA TYR B 207 -8.24 -18.78 8.43
C TYR B 207 -9.60 -18.77 7.75
N PHE B 208 -10.56 -19.43 8.40
CA PHE B 208 -11.84 -19.74 7.78
C PHE B 208 -12.90 -18.66 8.00
N VAL B 209 -13.49 -18.21 6.90
CA VAL B 209 -14.44 -17.10 6.97
C VAL B 209 -15.89 -17.52 6.78
N GLN B 210 -16.17 -18.29 5.74
CA GLN B 210 -17.56 -18.53 5.32
C GLN B 210 -17.71 -19.76 4.40
N ALA B 211 -18.89 -20.38 4.46
CA ALA B 211 -19.31 -21.39 3.47
C ALA B 211 -20.74 -21.13 2.98
N VAL B 212 -20.95 -21.31 1.68
CA VAL B 212 -22.28 -21.15 1.07
C VAL B 212 -22.70 -22.41 0.31
N ASP B 213 -24.01 -22.64 0.29
CA ASP B 213 -24.63 -23.74 -0.42
C ASP B 213 -25.03 -23.22 -1.80
N TYR B 214 -24.46 -23.77 -2.88
CA TYR B 214 -24.88 -23.31 -4.21
C TYR B 214 -24.79 -24.34 -5.33
N GLY B 215 -25.95 -24.68 -5.89
CA GLY B 215 -26.02 -25.59 -7.03
C GLY B 215 -25.47 -26.94 -6.66
N ASP B 216 -24.47 -27.41 -7.40
CA ASP B 216 -23.90 -28.73 -7.13
C ASP B 216 -22.77 -28.72 -6.08
N TYR B 217 -22.50 -27.55 -5.50
CA TYR B 217 -21.30 -27.36 -4.71
C TYR B 217 -21.54 -26.71 -3.34
N ILE B 218 -20.60 -26.94 -2.43
CA ILE B 218 -20.41 -26.06 -1.29
C ILE B 218 -19.18 -25.23 -1.62
N TYR B 219 -19.28 -23.93 -1.40
CA TYR B 219 -18.14 -23.01 -1.60
C TYR B 219 -17.61 -22.51 -0.26
N PHE B 220 -16.31 -22.67 -0.05
CA PHE B 220 -15.63 -22.20 1.17
C PHE B 220 -14.82 -20.96 0.85
N PHE B 221 -14.95 -19.96 1.71
CA PHE B 221 -14.18 -18.72 1.61
C PHE B 221 -13.30 -18.62 2.83
N PHE B 222 -12.00 -18.50 2.58
CA PHE B 222 -11.00 -18.45 3.62
C PHE B 222 -9.74 -17.66 3.19
N ARG B 223 -8.80 -17.46 4.12
CA ARG B 223 -7.52 -16.86 3.74
C ARG B 223 -6.39 -17.78 4.17
N GLU B 224 -5.31 -17.76 3.42
CA GLU B 224 -4.19 -18.62 3.71
C GLU B 224 -2.92 -17.93 3.25
N ILE B 225 -1.79 -18.52 3.60
CA ILE B 225 -0.51 -18.14 3.04
C ILE B 225 -0.51 -18.60 1.59
N ALA B 226 -0.25 -17.66 0.68
CA ALA B 226 -0.22 -17.91 -0.75
C ALA B 226 1.03 -18.63 -1.20
N VAL B 227 0.90 -19.88 -1.64
CA VAL B 227 2.03 -20.61 -2.20
C VAL B 227 2.55 -19.98 -3.49
N GLU B 228 1.73 -19.16 -4.14
CA GLU B 228 2.11 -18.49 -5.39
C GLU B 228 3.32 -17.59 -5.20
N TYR B 229 3.64 -17.35 -3.92
CA TYR B 229 4.71 -16.47 -3.45
C TYR B 229 5.71 -17.19 -2.54
N ASN B 230 5.66 -18.52 -2.51
CA ASN B 230 6.52 -19.30 -1.60
C ASN B 230 8.01 -19.11 -1.92
N THR B 231 8.28 -18.42 -3.03
CA THR B 231 9.62 -18.04 -3.47
C THR B 231 10.04 -16.72 -2.82
N MET B 232 9.05 -15.93 -2.42
CA MET B 232 9.26 -14.51 -2.13
C MET B 232 8.76 -14.06 -0.76
N GLY B 233 8.75 -14.98 0.21
CA GLY B 233 8.33 -14.66 1.58
C GLY B 233 6.83 -14.79 1.84
N LYS B 234 6.39 -14.32 3.01
CA LYS B 234 5.05 -14.54 3.55
C LYS B 234 3.97 -13.56 3.04
N VAL B 235 3.08 -14.09 2.18
CA VAL B 235 1.97 -13.31 1.59
C VAL B 235 0.65 -14.05 1.79
N VAL B 236 -0.35 -13.35 2.34
CA VAL B 236 -1.69 -13.91 2.54
C VAL B 236 -2.63 -13.61 1.36
N PHE B 237 -3.30 -14.64 0.84
CA PHE B 237 -4.30 -14.47 -0.22
C PHE B 237 -5.74 -14.77 0.22
N PRO B 238 -6.73 -14.10 -0.41
CA PRO B 238 -8.12 -14.53 -0.23
C PRO B 238 -8.44 -15.69 -1.18
N ARG B 239 -9.19 -16.67 -0.70
CA ARG B 239 -9.50 -17.85 -1.52
C ARG B 239 -10.98 -18.19 -1.52
N VAL B 240 -11.44 -18.71 -2.65
CA VAL B 240 -12.70 -19.47 -2.66
C VAL B 240 -12.40 -20.91 -3.08
N ALA B 241 -13.05 -21.84 -2.39
CA ALA B 241 -12.84 -23.25 -2.67
C ALA B 241 -14.16 -23.93 -2.97
N GLN B 242 -14.08 -24.85 -3.92
CA GLN B 242 -15.20 -25.61 -4.39
C GLN B 242 -15.07 -27.04 -3.86
N VAL B 243 -16.20 -27.60 -3.40
CA VAL B 243 -16.39 -29.07 -3.29
C VAL B 243 -17.75 -29.54 -3.88
N CYS B 244 -17.73 -30.65 -4.64
CA CYS B 244 -18.97 -31.32 -5.08
C CYS B 244 -19.76 -31.82 -3.88
N LYS B 245 -21.01 -31.42 -3.78
CA LYS B 245 -21.95 -31.98 -2.81
C LYS B 245 -22.05 -33.50 -2.79
N ASN B 246 -21.79 -34.16 -3.92
CA ASN B 246 -21.97 -35.62 -4.03
C ASN B 246 -20.65 -36.41 -3.96
N ASP B 247 -19.60 -35.72 -3.50
CA ASP B 247 -18.30 -36.35 -3.33
C ASP B 247 -18.42 -37.57 -2.43
N MET B 248 -17.80 -38.66 -2.84
CA MET B 248 -17.84 -39.91 -2.09
C MET B 248 -16.43 -40.32 -1.67
N GLY B 249 -15.44 -39.55 -2.12
CA GLY B 249 -14.05 -39.85 -1.85
C GLY B 249 -13.39 -40.53 -3.03
N GLY B 250 -12.12 -40.85 -2.86
CA GLY B 250 -11.34 -41.50 -3.90
C GLY B 250 -11.50 -43.00 -3.91
N SER B 251 -10.70 -43.66 -4.74
CA SER B 251 -10.63 -45.10 -4.76
C SER B 251 -9.74 -45.58 -3.61
N GLN B 252 -9.61 -46.90 -3.50
CA GLN B 252 -8.67 -47.53 -2.58
C GLN B 252 -7.21 -47.15 -2.93
N ARG B 253 -6.98 -46.75 -4.18
CA ARG B 253 -5.64 -46.36 -4.64
C ARG B 253 -5.31 -44.88 -4.36
N VAL B 254 -6.25 -43.99 -4.67
CA VAL B 254 -5.99 -42.55 -4.55
C VAL B 254 -7.14 -41.82 -3.87
N LEU B 255 -6.77 -41.02 -2.87
CA LEU B 255 -7.66 -40.10 -2.17
C LEU B 255 -8.82 -40.75 -1.43
N GLU B 256 -8.61 -41.96 -0.92
CA GLU B 256 -9.64 -42.63 -0.12
C GLU B 256 -9.99 -41.77 1.11
N LYS B 257 -11.27 -41.65 1.41
CA LYS B 257 -11.76 -40.89 2.59
C LYS B 257 -11.46 -39.38 2.48
N GLN B 258 -11.00 -38.96 1.31
CA GLN B 258 -10.61 -37.58 1.08
C GLN B 258 -11.33 -37.00 -0.14
N TRP B 259 -11.45 -35.66 -0.20
CA TRP B 259 -12.15 -34.99 -1.30
C TRP B 259 -11.52 -35.33 -2.64
N THR B 260 -12.37 -35.34 -3.67
CA THR B 260 -11.96 -35.65 -5.04
C THR B 260 -12.31 -34.49 -5.94
N SER B 261 -13.03 -33.52 -5.38
CA SER B 261 -13.47 -32.34 -6.10
C SER B 261 -12.90 -31.03 -5.54
N PHE B 262 -11.94 -31.11 -4.61
CA PHE B 262 -11.40 -29.88 -3.99
C PHE B 262 -10.59 -29.01 -4.94
N LEU B 263 -11.07 -27.80 -5.15
CA LEU B 263 -10.39 -26.86 -6.03
C LEU B 263 -10.52 -25.48 -5.42
N LYS B 264 -9.44 -24.71 -5.48
CA LYS B 264 -9.46 -23.38 -4.90
C LYS B 264 -8.86 -22.35 -5.83
N ALA B 265 -9.24 -21.12 -5.59
CA ALA B 265 -8.72 -20.03 -6.39
C ALA B 265 -8.66 -18.75 -5.57
N ARG B 266 -7.67 -17.95 -5.88
CA ARG B 266 -7.54 -16.61 -5.37
C ARG B 266 -8.76 -15.78 -5.74
N LEU B 267 -9.27 -15.00 -4.78
CA LEU B 267 -10.28 -13.99 -5.08
C LEU B 267 -9.55 -12.70 -5.48
N ASN B 268 -10.11 -11.98 -6.43
CA ASN B 268 -9.55 -10.72 -6.88
C ASN B 268 -10.41 -9.55 -6.40
N CYS B 269 -9.88 -8.81 -5.43
CA CYS B 269 -10.52 -7.59 -4.95
C CYS B 269 -9.50 -6.48 -5.05
N SER B 270 -9.61 -5.68 -6.11
CA SER B 270 -8.62 -4.66 -6.39
C SER B 270 -9.17 -3.39 -7.05
N VAL B 271 -8.48 -2.29 -6.80
CA VAL B 271 -8.63 -1.09 -7.59
C VAL B 271 -7.63 -1.26 -8.74
N PRO B 272 -8.12 -1.31 -9.99
CA PRO B 272 -7.26 -1.55 -11.14
C PRO B 272 -6.51 -0.31 -11.56
N GLY B 273 -5.42 -0.52 -12.28
CA GLY B 273 -4.60 0.58 -12.78
C GLY B 273 -3.43 0.01 -13.54
N ASP B 274 -2.45 0.85 -13.86
CA ASP B 274 -1.23 0.37 -14.52
C ASP B 274 -0.50 -0.59 -13.58
N SER B 275 -0.72 -0.38 -12.29
CA SER B 275 -0.47 -1.41 -11.28
C SER B 275 -1.74 -1.52 -10.45
N HIS B 276 -2.12 -2.74 -10.10
CA HIS B 276 -3.37 -2.96 -9.38
C HIS B 276 -3.12 -2.96 -7.87
N PHE B 277 -4.04 -2.35 -7.13
CA PHE B 277 -4.00 -2.39 -5.68
C PHE B 277 -4.91 -3.49 -5.13
N TYR B 278 -4.30 -4.57 -4.65
CA TYR B 278 -5.03 -5.67 -4.04
C TYR B 278 -5.27 -5.49 -2.56
N PHE B 279 -6.53 -5.70 -2.15
CA PHE B 279 -6.90 -5.96 -0.76
C PHE B 279 -6.92 -7.47 -0.57
N ASN B 280 -5.97 -8.00 0.21
CA ASN B 280 -5.76 -9.44 0.29
C ASN B 280 -6.33 -10.17 1.51
N ILE B 281 -6.69 -9.42 2.54
CA ILE B 281 -7.12 -10.05 3.77
C ILE B 281 -8.64 -10.08 3.87
N LEU B 282 -9.19 -11.26 3.59
CA LEU B 282 -10.61 -11.53 3.62
C LEU B 282 -11.17 -11.48 5.04
N GLN B 283 -12.16 -10.62 5.27
CA GLN B 283 -12.72 -10.42 6.61
C GLN B 283 -14.05 -11.13 6.83
N ALA B 284 -14.99 -10.93 5.90
CA ALA B 284 -16.31 -11.56 5.98
C ALA B 284 -16.93 -11.77 4.60
N VAL B 285 -17.85 -12.73 4.52
CA VAL B 285 -18.60 -13.00 3.28
C VAL B 285 -20.08 -13.19 3.57
N THR B 286 -20.96 -12.61 2.75
CA THR B 286 -22.41 -12.79 2.95
C THR B 286 -22.86 -14.18 2.52
N ASP B 287 -24.10 -14.54 2.85
CA ASP B 287 -24.74 -15.67 2.16
C ASP B 287 -25.00 -15.29 0.71
N VAL B 288 -25.28 -16.28 -0.13
CA VAL B 288 -25.63 -16.00 -1.52
C VAL B 288 -26.94 -15.24 -1.55
N ILE B 289 -26.93 -14.05 -2.17
CA ILE B 289 -28.12 -13.22 -2.33
C ILE B 289 -28.31 -12.68 -3.73
N ARG B 290 -29.53 -12.30 -4.05
CA ARG B 290 -29.92 -11.93 -5.40
C ARG B 290 -29.89 -10.42 -5.63
N ILE B 291 -29.13 -9.99 -6.64
CA ILE B 291 -28.99 -8.57 -7.03
C ILE B 291 -28.86 -8.40 -8.56
N ASN B 292 -29.65 -7.48 -9.12
CA ASN B 292 -29.67 -7.18 -10.57
C ASN B 292 -29.80 -8.43 -11.44
N GLY B 293 -30.56 -9.39 -10.95
CA GLY B 293 -30.80 -10.65 -11.65
C GLY B 293 -29.74 -11.71 -11.37
N ARG B 294 -28.66 -11.33 -10.69
CA ARG B 294 -27.55 -12.24 -10.44
C ARG B 294 -27.53 -12.77 -9.02
N ASP B 295 -27.04 -14.00 -8.86
CA ASP B 295 -26.73 -14.59 -7.55
C ASP B 295 -25.32 -14.18 -7.16
N VAL B 296 -25.20 -13.44 -6.05
CA VAL B 296 -23.91 -12.88 -5.63
C VAL B 296 -23.50 -13.15 -4.17
N VAL B 297 -22.21 -13.06 -3.89
CA VAL B 297 -21.74 -12.82 -2.51
C VAL B 297 -21.07 -11.46 -2.39
N LEU B 298 -21.31 -10.78 -1.28
CA LEU B 298 -20.52 -9.60 -0.95
C LEU B 298 -19.50 -9.93 0.12
N ALA B 299 -18.26 -9.52 -0.11
CA ALA B 299 -17.14 -9.83 0.77
C ALA B 299 -16.35 -8.59 1.17
N THR B 300 -15.99 -8.50 2.46
CA THR B 300 -15.18 -7.39 2.98
C THR B 300 -13.72 -7.81 3.05
N PHE B 301 -12.85 -6.97 2.49
CA PHE B 301 -11.41 -7.22 2.40
C PHE B 301 -10.60 -6.09 3.09
N SER B 302 -9.44 -6.43 3.66
CA SER B 302 -8.52 -5.45 4.26
C SER B 302 -7.12 -5.54 3.69
N THR B 303 -6.32 -4.50 3.96
CA THR B 303 -4.88 -4.55 3.72
C THR B 303 -4.25 -5.30 4.90
N PRO B 304 -3.03 -5.85 4.74
CA PRO B 304 -2.48 -6.62 5.87
C PRO B 304 -2.15 -5.77 7.11
N TYR B 305 -1.95 -6.47 8.24
CA TYR B 305 -1.59 -5.86 9.53
C TYR B 305 -0.48 -4.80 9.36
N ASN B 306 0.66 -5.23 8.81
CA ASN B 306 1.77 -4.34 8.51
C ASN B 306 1.60 -3.62 7.17
N SER B 307 0.66 -2.68 7.15
CA SER B 307 0.47 -1.77 6.01
C SER B 307 -0.34 -0.54 6.41
N ILE B 308 -0.50 0.39 5.47
CA ILE B 308 -1.43 1.51 5.63
C ILE B 308 -2.88 0.99 5.57
N PRO B 309 -3.62 1.12 6.69
CA PRO B 309 -4.95 0.48 6.82
C PRO B 309 -5.86 0.85 5.70
N GLY B 310 -6.55 -0.13 5.15
CA GLY B 310 -7.55 0.10 4.09
C GLY B 310 -8.47 -1.09 3.98
N SER B 311 -9.75 -0.80 3.77
CA SER B 311 -10.78 -1.83 3.60
C SER B 311 -11.62 -1.64 2.31
N ALA B 312 -12.08 -2.76 1.76
CA ALA B 312 -12.84 -2.80 0.51
C ALA B 312 -14.02 -3.77 0.58
N VAL B 313 -15.11 -3.43 -0.12
CA VAL B 313 -16.21 -4.36 -0.32
C VAL B 313 -16.31 -4.68 -1.80
N CYS B 314 -15.90 -5.90 -2.15
CA CYS B 314 -16.05 -6.44 -3.51
C CYS B 314 -17.24 -7.41 -3.56
N ALA B 315 -17.87 -7.51 -4.73
CA ALA B 315 -18.95 -8.47 -4.93
C ALA B 315 -18.56 -9.53 -5.93
N TYR B 316 -19.09 -10.74 -5.74
CA TYR B 316 -18.76 -11.87 -6.61
C TYR B 316 -19.99 -12.57 -7.13
N ASP B 317 -19.99 -12.78 -8.45
CA ASP B 317 -21.04 -13.49 -9.16
C ASP B 317 -20.77 -14.99 -9.05
N MET B 318 -21.77 -15.74 -8.56
CA MET B 318 -21.62 -17.20 -8.48
C MET B 318 -21.11 -17.81 -9.78
N LEU B 319 -21.54 -17.25 -10.91
CA LEU B 319 -21.07 -17.70 -12.24
C LEU B 319 -19.57 -17.49 -12.46
N ASP B 320 -19.07 -16.30 -12.10
CA ASP B 320 -17.62 -16.04 -12.09
C ASP B 320 -16.85 -17.02 -11.19
N ILE B 321 -17.39 -17.31 -10.01
CA ILE B 321 -16.77 -18.32 -9.15
C ILE B 321 -16.74 -19.68 -9.88
N ALA B 322 -17.91 -20.14 -10.33
CA ALA B 322 -18.00 -21.39 -11.09
C ALA B 322 -17.01 -21.43 -12.26
N ASN B 323 -16.97 -20.36 -13.06
CA ASN B 323 -16.14 -20.35 -14.27
C ASN B 323 -14.66 -20.53 -14.01
N VAL B 324 -14.19 -20.03 -12.86
CA VAL B 324 -12.78 -20.11 -12.52
C VAL B 324 -12.29 -21.56 -12.47
N PHE B 325 -13.12 -22.44 -11.93
CA PHE B 325 -12.80 -23.86 -11.84
C PHE B 325 -12.85 -24.65 -13.15
N THR B 326 -13.26 -23.99 -14.24
CA THR B 326 -13.24 -24.61 -15.57
C THR B 326 -12.01 -24.18 -16.34
N GLY B 327 -11.28 -23.21 -15.81
CA GLY B 327 -10.10 -22.67 -16.47
C GLY B 327 -8.89 -23.55 -16.28
N ARG B 328 -7.72 -23.01 -16.57
CA ARG B 328 -6.48 -23.76 -16.46
C ARG B 328 -6.02 -24.00 -15.01
N PHE B 329 -5.22 -25.04 -14.80
CA PHE B 329 -4.67 -25.35 -13.47
C PHE B 329 -3.31 -24.72 -13.31
N LYS B 330 -2.92 -24.50 -12.05
CA LYS B 330 -1.61 -23.93 -11.76
C LYS B 330 -0.64 -25.01 -11.36
N GLU B 331 0.60 -24.87 -11.80
CA GLU B 331 1.69 -25.73 -11.35
C GLU B 331 2.98 -24.97 -11.06
N GLN B 332 3.93 -25.65 -10.42
CA GLN B 332 5.27 -25.13 -10.23
C GLN B 332 6.25 -26.17 -10.78
N LYS B 333 6.73 -25.94 -12.01
CA LYS B 333 7.61 -26.87 -12.72
C LYS B 333 8.80 -27.38 -11.88
N SER B 334 9.46 -26.48 -11.15
CA SER B 334 10.59 -26.85 -10.30
C SER B 334 10.56 -26.00 -9.03
N PRO B 335 11.38 -26.33 -8.01
CA PRO B 335 11.38 -25.45 -6.82
C PRO B 335 11.90 -24.05 -7.15
N ASP B 336 12.50 -23.87 -8.32
CA ASP B 336 13.09 -22.59 -8.76
C ASP B 336 12.22 -21.85 -9.77
N SER B 337 10.94 -22.20 -9.83
CA SER B 337 10.05 -21.66 -10.85
C SER B 337 8.95 -20.79 -10.28
N THR B 338 8.48 -19.83 -11.07
CA THR B 338 7.22 -19.15 -10.81
C THR B 338 6.08 -20.11 -11.07
N TRP B 339 4.90 -19.83 -10.51
CA TRP B 339 3.71 -20.62 -10.78
C TRP B 339 3.11 -20.30 -12.16
N THR B 340 2.86 -21.34 -12.94
CA THR B 340 2.42 -21.20 -14.34
C THR B 340 1.17 -22.05 -14.67
N PRO B 341 0.51 -21.77 -15.82
CA PRO B 341 -0.62 -22.61 -16.21
C PRO B 341 -0.17 -23.96 -16.74
N VAL B 342 -0.96 -24.99 -16.45
CA VAL B 342 -0.75 -26.31 -17.02
C VAL B 342 -1.36 -26.30 -18.43
N PRO B 343 -0.58 -26.70 -19.45
CA PRO B 343 -1.16 -26.76 -20.79
C PRO B 343 -2.26 -27.82 -20.80
N ASP B 344 -3.38 -27.53 -21.45
CA ASP B 344 -4.56 -28.42 -21.39
C ASP B 344 -4.27 -29.86 -21.80
N GLU B 345 -3.28 -30.05 -22.69
CA GLU B 345 -2.97 -31.40 -23.16
C GLU B 345 -2.41 -32.30 -22.06
N ARG B 346 -2.05 -31.71 -20.92
CA ARG B 346 -1.55 -32.49 -19.78
C ARG B 346 -2.65 -32.77 -18.74
N VAL B 347 -3.85 -32.25 -18.99
CA VAL B 347 -5.03 -32.45 -18.10
C VAL B 347 -5.76 -33.74 -18.47
N PRO B 348 -5.87 -34.68 -17.51
CA PRO B 348 -6.45 -36.00 -17.80
C PRO B 348 -7.95 -35.98 -18.07
N LYS B 349 -8.41 -36.95 -18.86
CA LYS B 349 -9.82 -37.20 -19.10
C LYS B 349 -10.20 -38.35 -18.18
N PRO B 350 -11.26 -38.21 -17.36
CA PRO B 350 -12.17 -37.07 -17.15
C PRO B 350 -11.53 -35.91 -16.36
N ARG B 351 -11.95 -34.70 -16.67
CA ARG B 351 -11.38 -33.50 -16.07
C ARG B 351 -11.62 -33.46 -14.55
N PRO B 352 -10.53 -33.31 -13.76
CA PRO B 352 -10.67 -33.21 -12.32
C PRO B 352 -11.58 -32.06 -11.93
N GLY B 353 -12.35 -32.26 -10.87
CA GLY B 353 -13.15 -31.19 -10.30
C GLY B 353 -14.61 -31.22 -10.67
N CYS B 354 -14.97 -31.95 -11.73
CA CYS B 354 -16.37 -32.09 -12.09
C CYS B 354 -17.05 -33.18 -11.26
N CYS B 355 -18.32 -32.97 -10.95
CA CYS B 355 -19.08 -33.92 -10.12
C CYS B 355 -19.56 -35.11 -10.95
N ALA B 356 -19.26 -36.31 -10.47
CA ALA B 356 -19.82 -37.52 -11.06
C ALA B 356 -21.32 -37.35 -11.26
N GLY B 357 -21.81 -37.79 -12.40
CA GLY B 357 -23.24 -37.75 -12.72
C GLY B 357 -23.61 -36.56 -13.59
N SER B 358 -22.61 -35.88 -14.14
CA SER B 358 -22.83 -34.68 -14.93
C SER B 358 -22.14 -34.83 -16.28
N SER B 359 -22.56 -33.99 -17.24
CA SER B 359 -22.03 -33.98 -18.61
C SER B 359 -20.65 -34.61 -18.82
N SER B 360 -20.60 -35.63 -19.67
CA SER B 360 -19.38 -36.40 -20.03
C SER B 360 -18.72 -37.19 -18.86
N LEU B 361 -19.23 -36.99 -17.65
CA LEU B 361 -18.94 -37.84 -16.51
C LEU B 361 -20.21 -38.61 -16.06
N GLU B 362 -21.09 -38.89 -17.03
CA GLU B 362 -22.32 -39.64 -16.76
C GLU B 362 -22.04 -41.10 -16.42
N LYS B 363 -20.94 -41.61 -16.95
CA LYS B 363 -20.53 -43.00 -16.75
C LYS B 363 -19.97 -43.30 -15.37
N TYR B 364 -19.71 -42.26 -14.57
CA TYR B 364 -19.24 -42.46 -13.21
C TYR B 364 -20.40 -42.28 -12.24
N ALA B 365 -20.78 -43.38 -11.58
CA ALA B 365 -21.88 -43.33 -10.62
C ALA B 365 -21.44 -42.56 -9.38
N THR B 366 -20.18 -42.76 -8.98
CA THR B 366 -19.57 -42.01 -7.87
C THR B 366 -18.11 -41.70 -8.16
N SER B 367 -17.52 -40.87 -7.31
CA SER B 367 -16.11 -40.48 -7.40
C SER B 367 -15.19 -41.65 -7.05
N ASN B 368 -15.71 -42.60 -6.26
CA ASN B 368 -15.03 -43.86 -5.97
C ASN B 368 -14.57 -44.56 -7.26
N GLU B 369 -15.29 -44.27 -8.35
CA GLU B 369 -15.05 -44.93 -9.63
C GLU B 369 -14.11 -44.16 -10.56
N PHE B 370 -13.70 -42.96 -10.16
CA PHE B 370 -12.79 -42.14 -10.98
C PHE B 370 -11.45 -42.83 -11.18
N PRO B 371 -10.84 -42.63 -12.36
CA PRO B 371 -9.53 -43.25 -12.58
C PRO B 371 -8.41 -42.61 -11.76
N ASP B 372 -7.29 -43.32 -11.71
CA ASP B 372 -6.08 -42.89 -11.02
C ASP B 372 -5.49 -41.58 -11.55
N ASP B 373 -5.39 -41.45 -12.88
CA ASP B 373 -4.75 -40.28 -13.48
C ASP B 373 -5.49 -38.98 -13.12
N THR B 374 -6.82 -39.08 -13.01
CA THR B 374 -7.69 -37.98 -12.62
C THR B 374 -7.53 -37.61 -11.15
N LEU B 375 -7.54 -38.64 -10.29
CA LEU B 375 -7.42 -38.46 -8.85
C LEU B 375 -6.03 -37.98 -8.42
N ASN B 376 -4.99 -38.52 -9.03
CA ASN B 376 -3.63 -38.05 -8.77
C ASN B 376 -3.40 -36.61 -9.22
N PHE B 377 -4.07 -36.20 -10.29
CA PHE B 377 -3.91 -34.85 -10.80
C PHE B 377 -4.48 -33.83 -9.82
N ILE B 378 -5.65 -34.12 -9.27
CA ILE B 378 -6.34 -33.14 -8.42
C ILE B 378 -5.73 -33.13 -7.03
N LYS B 379 -5.05 -34.20 -6.66
CA LYS B 379 -4.36 -34.25 -5.39
C LYS B 379 -3.17 -33.31 -5.45
N THR B 380 -2.45 -33.34 -6.56
CA THR B 380 -1.26 -32.52 -6.71
C THR B 380 -1.55 -31.11 -7.23
N HIS B 381 -2.67 -30.91 -7.94
CA HIS B 381 -3.05 -29.60 -8.48
C HIS B 381 -4.43 -29.08 -7.98
N PRO B 382 -4.52 -28.66 -6.69
CA PRO B 382 -5.78 -28.11 -6.17
C PRO B 382 -6.00 -26.62 -6.45
N LEU B 383 -4.97 -25.93 -6.92
CA LEU B 383 -5.03 -24.49 -7.15
C LEU B 383 -5.23 -24.16 -8.65
N MET B 384 -6.25 -23.35 -8.93
CA MET B 384 -6.50 -22.83 -10.28
C MET B 384 -5.55 -21.67 -10.62
N ASP B 385 -5.21 -21.53 -11.90
CA ASP B 385 -4.35 -20.43 -12.34
C ASP B 385 -5.01 -19.05 -12.26
N GLU B 386 -6.27 -18.96 -12.68
CA GLU B 386 -6.99 -17.70 -12.75
C GLU B 386 -7.45 -17.26 -11.38
N ALA B 387 -7.68 -15.94 -11.24
CA ALA B 387 -8.28 -15.36 -10.06
C ALA B 387 -9.71 -14.90 -10.36
N VAL B 388 -10.61 -15.07 -9.40
CA VAL B 388 -12.00 -14.70 -9.59
C VAL B 388 -12.14 -13.19 -9.69
N PRO B 389 -12.62 -12.70 -10.85
CA PRO B 389 -12.85 -11.26 -10.97
C PRO B 389 -14.08 -10.87 -10.16
N SER B 390 -14.12 -9.63 -9.70
CA SER B 390 -15.28 -9.13 -8.99
C SER B 390 -16.23 -8.48 -9.98
N ILE B 391 -17.48 -8.27 -9.54
CA ILE B 391 -18.50 -7.65 -10.40
C ILE B 391 -18.20 -6.16 -10.50
N ILE B 392 -18.03 -5.68 -11.73
CA ILE B 392 -17.61 -4.28 -12.02
C ILE B 392 -16.09 -4.17 -12.06
N ASN B 393 -15.40 -5.27 -11.77
CA ASN B 393 -13.94 -5.30 -11.69
C ASN B 393 -13.32 -4.22 -10.79
N ARG B 394 -14.01 -3.88 -9.70
CA ARG B 394 -13.52 -2.93 -8.71
C ARG B 394 -14.43 -2.98 -7.49
N PRO B 395 -13.95 -2.47 -6.33
CA PRO B 395 -14.83 -2.56 -5.18
C PRO B 395 -16.03 -1.66 -5.33
N TRP B 396 -17.12 -2.02 -4.67
CA TRP B 396 -18.32 -1.21 -4.62
C TRP B 396 -18.21 -0.16 -3.54
N PHE B 397 -17.22 -0.32 -2.67
CA PHE B 397 -17.06 0.53 -1.51
C PHE B 397 -15.61 0.52 -1.04
N LEU B 398 -15.16 1.65 -0.52
CA LEU B 398 -13.79 1.78 -0.01
C LEU B 398 -13.77 2.56 1.29
N ARG B 399 -12.93 2.12 2.23
CA ARG B 399 -12.59 2.92 3.41
C ARG B 399 -11.09 2.84 3.62
N THR B 400 -10.41 3.98 3.50
CA THR B 400 -8.94 3.96 3.51
C THR B 400 -8.25 4.53 4.76
N MET B 401 -8.04 5.84 4.87
CA MET B 401 -7.34 6.30 6.08
C MET B 401 -8.22 6.50 7.31
N VAL B 402 -8.54 5.36 7.92
CA VAL B 402 -9.22 5.29 9.21
C VAL B 402 -8.51 4.24 10.06
N ARG B 403 -8.62 4.38 11.37
CA ARG B 403 -7.94 3.47 12.30
C ARG B 403 -8.90 2.37 12.74
N TYR B 404 -9.48 1.71 11.74
CA TYR B 404 -10.31 0.52 11.91
C TYR B 404 -10.42 -0.17 10.56
N ARG B 405 -10.66 -1.47 10.60
CA ARG B 405 -10.86 -2.27 9.38
C ARG B 405 -12.28 -2.83 9.32
N LEU B 406 -12.85 -2.85 8.12
CA LEU B 406 -14.21 -3.41 7.89
C LEU B 406 -14.22 -4.92 8.03
N THR B 407 -15.06 -5.41 8.95
CA THR B 407 -15.15 -6.83 9.21
C THR B 407 -16.49 -7.40 8.73
N LYS B 408 -17.45 -7.54 9.65
CA LYS B 408 -18.72 -8.21 9.36
C LYS B 408 -19.57 -7.46 8.34
N ILE B 409 -20.44 -8.21 7.66
CA ILE B 409 -21.28 -7.65 6.61
C ILE B 409 -22.70 -8.23 6.59
N ALA B 410 -23.69 -7.35 6.76
CA ALA B 410 -25.10 -7.71 6.67
C ALA B 410 -25.79 -6.84 5.62
N VAL B 411 -26.58 -7.46 4.76
CA VAL B 411 -27.22 -6.76 3.65
C VAL B 411 -28.75 -6.73 3.80
N ASP B 412 -29.36 -5.67 3.30
CA ASP B 412 -30.79 -5.67 3.02
C ASP B 412 -31.02 -5.25 1.57
N ASN B 413 -31.45 -6.20 0.73
CA ASN B 413 -31.72 -5.91 -0.68
C ASN B 413 -33.22 -5.69 -0.98
N ALA B 414 -34.02 -5.56 0.07
CA ALA B 414 -35.43 -5.19 -0.05
C ALA B 414 -35.74 -3.95 0.80
N ALA B 415 -34.83 -2.98 0.74
CA ALA B 415 -34.89 -1.78 1.57
C ALA B 415 -35.79 -0.67 1.00
N GLY B 416 -36.60 -0.09 1.89
CA GLY B 416 -37.47 1.01 1.52
C GLY B 416 -38.92 0.61 1.29
N PRO B 417 -39.79 1.61 1.01
CA PRO B 417 -41.25 1.35 0.85
C PRO B 417 -41.59 0.47 -0.35
N TYR B 418 -40.80 0.58 -1.41
CA TYR B 418 -40.95 -0.25 -2.61
C TYR B 418 -39.96 -1.41 -2.66
N GLN B 419 -39.39 -1.75 -1.49
CA GLN B 419 -38.54 -2.92 -1.26
C GLN B 419 -37.53 -3.24 -2.36
N ASN B 420 -36.86 -2.22 -2.87
CA ASN B 420 -36.01 -2.38 -4.06
C ASN B 420 -34.61 -1.77 -3.96
N HIS B 421 -34.21 -1.34 -2.77
CA HIS B 421 -32.85 -0.85 -2.54
C HIS B 421 -31.95 -1.93 -1.92
N THR B 422 -30.65 -1.87 -2.23
CA THR B 422 -29.64 -2.74 -1.61
C THR B 422 -28.75 -1.95 -0.64
N VAL B 423 -29.12 -1.96 0.63
CA VAL B 423 -28.34 -1.31 1.70
C VAL B 423 -27.41 -2.31 2.41
N VAL B 424 -26.11 -2.03 2.39
CA VAL B 424 -25.09 -2.90 3.01
C VAL B 424 -24.56 -2.33 4.34
N PHE B 425 -24.70 -3.11 5.41
CA PHE B 425 -24.21 -2.74 6.74
C PHE B 425 -22.87 -3.41 7.03
N LEU B 426 -21.87 -2.58 7.35
CA LEU B 426 -20.52 -3.07 7.59
C LEU B 426 -20.06 -2.76 8.99
N GLY B 427 -19.56 -3.78 9.68
CA GLY B 427 -18.99 -3.62 11.01
C GLY B 427 -17.49 -3.46 10.99
N SER B 428 -16.90 -3.28 12.17
CA SER B 428 -15.45 -3.12 12.31
C SER B 428 -15.00 -3.63 13.67
N GLU B 429 -13.70 -3.69 13.90
CA GLU B 429 -13.17 -4.21 15.17
C GLU B 429 -13.30 -3.21 16.31
N LYS B 430 -13.64 -1.97 15.95
CA LYS B 430 -13.72 -0.84 16.88
C LYS B 430 -15.15 -0.42 17.26
N GLY B 431 -16.12 -1.24 16.91
CA GLY B 431 -17.51 -0.95 17.23
C GLY B 431 -18.14 0.10 16.33
N ILE B 432 -17.53 0.34 15.17
CA ILE B 432 -18.08 1.26 14.19
C ILE B 432 -18.88 0.47 13.14
N ILE B 433 -20.07 0.97 12.83
CA ILE B 433 -20.86 0.42 11.73
C ILE B 433 -21.03 1.42 10.57
N LEU B 434 -20.63 1.01 9.38
CA LEU B 434 -20.89 1.78 8.16
C LEU B 434 -22.12 1.26 7.45
N LYS B 435 -22.82 2.16 6.77
CA LYS B 435 -24.02 1.82 6.00
C LYS B 435 -23.94 2.48 4.64
N PHE B 436 -24.12 1.71 3.58
CA PHE B 436 -24.13 2.29 2.25
C PHE B 436 -25.14 1.66 1.30
N LEU B 437 -25.56 2.48 0.33
CA LEU B 437 -26.49 2.08 -0.72
C LEU B 437 -25.71 1.72 -1.96
N ALA B 438 -26.00 0.56 -2.53
CA ALA B 438 -25.25 0.05 -3.68
C ALA B 438 -25.78 0.58 -5.02
N ARG B 439 -27.10 0.76 -5.08
CA ARG B 439 -27.77 1.10 -6.33
C ARG B 439 -28.69 2.31 -6.18
N ILE B 440 -28.56 3.25 -7.10
CA ILE B 440 -29.29 4.53 -7.05
C ILE B 440 -30.42 4.60 -8.10
N GLY B 441 -31.68 4.67 -7.64
CA GLY B 441 -32.84 4.73 -8.54
C GLY B 441 -33.04 3.53 -9.47
N SER B 442 -33.92 3.70 -10.46
CA SER B 442 -34.32 2.59 -11.36
C SER B 442 -33.29 2.15 -12.42
N SER B 443 -32.23 2.91 -12.61
CA SER B 443 -31.28 2.64 -13.71
C SER B 443 -30.59 1.26 -13.60
N GLY B 444 -30.12 0.93 -12.40
CA GLY B 444 -29.47 -0.36 -12.16
C GLY B 444 -27.95 -0.28 -12.13
N PHE B 445 -27.42 0.93 -12.27
CA PHE B 445 -25.98 1.19 -12.18
C PHE B 445 -25.44 0.86 -10.77
N LEU B 446 -24.23 0.30 -10.73
CA LEU B 446 -23.60 -0.11 -9.47
C LEU B 446 -22.20 0.50 -9.29
N ASN B 447 -21.89 1.47 -10.15
CA ASN B 447 -20.59 2.16 -10.16
C ASN B 447 -20.54 3.43 -9.30
N GLY B 448 -21.64 3.73 -8.62
CA GLY B 448 -21.74 4.94 -7.80
C GLY B 448 -22.53 4.71 -6.53
N SER B 449 -21.95 3.95 -5.62
CA SER B 449 -22.56 3.69 -4.32
C SER B 449 -22.47 4.92 -3.42
N LEU B 450 -23.49 5.10 -2.57
CA LEU B 450 -23.58 6.25 -1.66
C LEU B 450 -23.28 5.89 -0.20
N PHE B 451 -22.34 6.62 0.40
CA PHE B 451 -22.01 6.50 1.82
C PHE B 451 -23.10 7.12 2.72
N LEU B 452 -24.05 6.30 3.17
CA LEU B 452 -25.19 6.80 3.93
C LEU B 452 -24.90 7.16 5.41
N GLU B 453 -24.12 6.32 6.10
CA GLU B 453 -23.89 6.50 7.53
C GLU B 453 -22.57 5.93 8.02
N GLU B 454 -21.85 6.71 8.84
CA GLU B 454 -20.81 6.17 9.73
C GLU B 454 -21.29 6.34 11.16
N MET B 455 -21.35 5.25 11.93
CA MET B 455 -21.84 5.35 13.29
C MET B 455 -21.11 4.46 14.31
N ASN B 456 -20.86 5.02 15.48
CA ASN B 456 -20.37 4.28 16.63
C ASN B 456 -21.56 3.79 17.41
N VAL B 457 -21.65 2.48 17.60
CA VAL B 457 -22.81 1.88 18.27
C VAL B 457 -22.47 1.23 19.61
N TYR B 458 -21.19 1.07 19.90
CA TYR B 458 -20.75 0.46 21.16
C TYR B 458 -21.06 1.32 22.39
N ASN B 459 -21.70 0.71 23.39
CA ASN B 459 -22.14 1.39 24.61
C ASN B 459 -21.28 1.04 25.84
N PRO B 460 -20.29 1.89 26.17
CA PRO B 460 -19.41 1.63 27.31
C PRO B 460 -20.16 1.38 28.63
N GLU B 461 -21.25 2.10 28.84
CA GLU B 461 -21.98 2.05 30.11
C GLU B 461 -22.78 0.77 30.32
N LYS B 462 -23.11 0.07 29.23
CA LYS B 462 -23.85 -1.18 29.35
C LYS B 462 -23.06 -2.40 28.89
N CYS B 463 -21.95 -2.17 28.18
CA CYS B 463 -21.15 -3.27 27.66
C CYS B 463 -19.80 -3.47 28.37
N SER B 464 -19.19 -2.38 28.84
CA SER B 464 -17.90 -2.45 29.55
C SER B 464 -18.04 -2.81 31.02
N TYR B 465 -18.16 -4.10 31.31
CA TYR B 465 -18.18 -4.59 32.69
C TYR B 465 -17.22 -5.77 32.85
N ASP B 466 -17.20 -6.35 34.06
CA ASP B 466 -16.34 -7.49 34.42
C ASP B 466 -14.89 -7.41 33.89
N GLY B 467 -14.31 -6.22 33.99
CA GLY B 467 -12.93 -5.96 33.59
C GLY B 467 -12.63 -6.08 32.09
N VAL B 468 -13.67 -5.96 31.26
CA VAL B 468 -13.54 -6.21 29.81
C VAL B 468 -14.25 -5.15 28.92
N GLU B 469 -13.45 -4.28 28.30
CA GLU B 469 -13.95 -3.41 27.24
C GLU B 469 -13.39 -3.83 25.88
N ASP B 470 -14.11 -4.72 25.22
CA ASP B 470 -13.76 -5.17 23.87
C ASP B 470 -14.81 -4.69 22.88
N LYS B 471 -14.34 -3.99 21.84
CA LYS B 471 -15.24 -3.35 20.88
C LYS B 471 -15.33 -4.08 19.54
N ARG B 472 -14.76 -5.29 19.48
CA ARG B 472 -14.86 -6.13 18.29
C ARG B 472 -16.29 -6.61 18.06
N ILE B 473 -16.81 -6.32 16.87
CA ILE B 473 -18.14 -6.81 16.50
C ILE B 473 -18.04 -8.30 16.14
N MET B 474 -18.70 -9.11 16.93
CA MET B 474 -18.61 -10.57 16.85
C MET B 474 -19.54 -11.11 15.76
N GLY B 475 -20.61 -10.38 15.50
CA GLY B 475 -21.56 -10.73 14.45
C GLY B 475 -22.72 -9.76 14.41
N MET B 476 -23.47 -9.77 13.31
CA MET B 476 -24.63 -8.91 13.20
C MET B 476 -25.71 -9.45 12.27
N GLN B 477 -26.94 -9.45 12.78
CA GLN B 477 -28.09 -10.00 12.09
C GLN B 477 -29.10 -8.93 11.70
N LEU B 478 -29.42 -8.87 10.41
CA LEU B 478 -30.40 -7.91 9.94
C LEU B 478 -31.81 -8.50 10.06
N ASP B 479 -32.73 -7.71 10.60
CA ASP B 479 -34.13 -8.13 10.75
C ASP B 479 -35.10 -7.09 10.19
N ARG B 480 -35.51 -7.29 8.94
CA ARG B 480 -36.46 -6.40 8.27
C ARG B 480 -37.76 -6.26 9.06
N ALA B 481 -38.40 -7.39 9.35
CA ALA B 481 -39.66 -7.41 10.10
C ALA B 481 -39.71 -6.40 11.24
N SER B 482 -38.69 -6.42 12.10
CA SER B 482 -38.64 -5.53 13.27
C SER B 482 -37.87 -4.24 13.00
N GLY B 483 -37.49 -4.02 11.73
CA GLY B 483 -36.83 -2.80 11.29
C GLY B 483 -35.48 -2.51 11.93
N SER B 484 -34.84 -3.57 12.44
CA SER B 484 -33.61 -3.41 13.21
C SER B 484 -32.44 -4.29 12.77
N LEU B 485 -31.23 -3.82 13.06
CA LEU B 485 -30.00 -4.58 12.89
C LEU B 485 -29.41 -4.90 14.26
N TYR B 486 -29.36 -6.18 14.59
CA TYR B 486 -28.82 -6.62 15.86
C TYR B 486 -27.31 -6.76 15.77
N VAL B 487 -26.60 -6.07 16.66
CA VAL B 487 -25.14 -6.06 16.68
C VAL B 487 -24.60 -6.75 17.94
N ALA B 488 -23.71 -7.72 17.72
CA ALA B 488 -23.14 -8.48 18.82
C ALA B 488 -21.72 -8.03 19.16
N PHE B 489 -21.53 -7.72 20.44
CA PHE B 489 -20.21 -7.55 21.01
C PHE B 489 -20.00 -8.70 21.99
N SER B 490 -18.80 -8.84 22.53
CA SER B 490 -18.46 -9.95 23.41
C SER B 490 -19.37 -10.04 24.63
N THR B 491 -19.82 -8.89 25.13
CA THR B 491 -20.49 -8.81 26.42
C THR B 491 -21.93 -8.34 26.30
N CYS B 492 -22.34 -7.95 25.09
CA CYS B 492 -23.65 -7.35 24.91
C CYS B 492 -24.14 -7.44 23.46
N VAL B 493 -25.46 -7.34 23.28
CA VAL B 493 -26.07 -7.23 21.96
C VAL B 493 -26.90 -5.94 21.88
N ILE B 494 -26.60 -5.13 20.87
CA ILE B 494 -27.26 -3.85 20.70
C ILE B 494 -28.30 -3.89 19.58
N LYS B 495 -29.49 -3.34 19.85
CA LYS B 495 -30.55 -3.27 18.85
C LYS B 495 -30.56 -1.92 18.16
N VAL B 496 -29.93 -1.86 16.98
CA VAL B 496 -29.87 -0.62 16.20
C VAL B 496 -31.01 -0.57 15.17
N PRO B 497 -31.82 0.52 15.15
CA PRO B 497 -32.77 0.75 14.06
C PRO B 497 -32.03 0.88 12.74
N LEU B 498 -32.62 0.36 11.66
CA LEU B 498 -31.97 0.34 10.37
C LEU B 498 -31.61 1.72 9.83
N GLY B 499 -32.38 2.74 10.23
CA GLY B 499 -32.09 4.12 9.83
C GLY B 499 -32.19 5.13 10.97
N ARG B 500 -31.56 6.29 10.77
CA ARG B 500 -31.70 7.41 11.70
C ARG B 500 -32.50 8.55 11.06
N CYS B 501 -33.81 8.52 11.30
CA CYS B 501 -34.74 9.46 10.68
C CYS B 501 -35.03 10.63 11.62
N GLU B 502 -35.39 10.31 12.87
CA GLU B 502 -35.77 11.31 13.89
C GLU B 502 -34.88 12.57 13.91
N ARG B 503 -33.67 12.47 13.38
CA ARG B 503 -32.71 13.57 13.33
C ARG B 503 -32.88 14.41 12.05
N LYS B 509 -37.54 18.73 11.13
CA LYS B 509 -36.37 19.19 10.41
C LYS B 509 -36.55 18.94 8.91
N THR B 510 -35.46 19.01 8.15
CA THR B 510 -35.44 18.60 6.74
C THR B 510 -34.76 17.22 6.58
N CYS B 511 -35.47 16.17 7.01
CA CYS B 511 -34.98 14.78 7.09
C CYS B 511 -34.99 14.01 5.75
N ILE B 512 -35.30 14.72 4.67
CA ILE B 512 -35.19 14.18 3.33
C ILE B 512 -33.73 14.32 2.84
N ALA B 513 -32.94 15.07 3.60
CA ALA B 513 -31.54 15.35 3.25
C ALA B 513 -30.65 14.10 3.24
N SER B 514 -31.01 13.12 4.07
CA SER B 514 -30.16 11.95 4.28
C SER B 514 -30.11 10.94 3.12
N ARG B 515 -31.10 11.00 2.23
CA ARG B 515 -31.21 10.05 1.11
C ARG B 515 -31.32 8.62 1.64
N ASP B 516 -31.93 8.50 2.82
CA ASP B 516 -32.08 7.22 3.50
C ASP B 516 -33.40 6.61 3.09
N PRO B 517 -33.34 5.49 2.35
CA PRO B 517 -34.52 4.79 1.86
C PRO B 517 -35.47 4.34 2.96
N TYR B 518 -35.01 4.28 4.20
CA TYR B 518 -35.89 3.89 5.32
C TYR B 518 -36.78 5.04 5.81
N CYS B 519 -36.38 6.27 5.48
CA CYS B 519 -37.10 7.48 5.93
C CYS B 519 -37.95 8.09 4.80
N GLU B 540 -42.36 11.59 -0.38
CA GLU B 540 -41.28 11.91 -1.33
C GLU B 540 -39.90 11.74 -0.68
N GLN B 541 -38.87 11.52 -1.52
CA GLN B 541 -37.49 11.34 -1.06
C GLN B 541 -36.49 11.27 -2.22
N ASP B 542 -35.94 12.42 -2.61
CA ASP B 542 -34.86 12.46 -3.63
C ASP B 542 -33.70 11.56 -3.20
N ILE B 543 -33.30 10.66 -4.09
CA ILE B 543 -32.10 9.84 -3.91
C ILE B 543 -31.38 9.87 -5.27
N GLU B 544 -31.57 10.97 -5.98
CA GLU B 544 -31.16 11.09 -7.38
C GLU B 544 -29.74 11.62 -7.52
#